data_1RV3
#
_entry.id   1RV3
#
_cell.length_a   114.920
_cell.length_b   114.920
_cell.length_c   158.290
_cell.angle_alpha   90.00
_cell.angle_beta   90.00
_cell.angle_gamma   90.00
#
_symmetry.space_group_name_H-M   'P 41 21 2'
#
loop_
_entity.id
_entity.type
_entity.pdbx_description
1 polymer 'Serine hydroxymethyltransferase, cytosolic'
2 non-polymer 'PHOSPHATE ION'
3 non-polymer "PYRIDOXAL-5'-PHOSPHATE"
4 non-polymer GLYCINE
5 water water
#
_entity_poly.entity_id   1
_entity_poly.type   'polypeptide(L)'
_entity_poly.pdbx_seq_one_letter_code
;ATAVNGAPRDAALWSSHEQMLAQPLKDSDAEVYDIIKKESNRQRVGLELIASENFASRAVLEALGSCLNNKYSLGYPGQR
YYGGTEHIDELETLCQKRALQAYGLDPQCWGVNVQPYSGSPANFAVYTALVEPHGRIMGLDLPDGGHLTHGFMTDKKKIS
ATSIFFESMAYKVNPDTGYIDYDRLEENARLFHPKLIIAGTSCYSRNLDYGRLRKIADENGAYLMADMAHISGLVVAGVV
PSPFEHCHVVTTTTHKTLRGCRAGMIFYRRGVRSVDPKTGKEILYNLESLINSAVFPGLQGGPHNHAIAGVAVALKQAMT
PEFKEYQRQVVANCRALSAALVELGYKIVTGGSDNHLILVDLRSKGTDGGRAEKVLEACSIACNKNTCPGDKSALRPSGL
RLGTPALTSRGLLEKDFQKVAHFIHRGIELTVQIQDDTGPRATLKEFKEKLAGDEKHQRAVRALRQEVESFAALFPLPGL
PGF
;
_entity_poly.pdbx_strand_id   A,B
#
loop_
_chem_comp.id
_chem_comp.type
_chem_comp.name
_chem_comp.formula
PLP non-polymer PYRIDOXAL-5'-PHOSPHATE 'C8 H10 N O6 P'
PO4 non-polymer 'PHOSPHATE ION' 'O4 P -3'
#
# COMPACT_ATOMS: atom_id res chain seq x y z
N TRP A 14 13.83 -29.32 -4.25
CA TRP A 14 13.14 -30.47 -3.61
C TRP A 14 11.89 -30.84 -4.40
N SER A 15 11.33 -32.01 -4.13
CA SER A 15 10.12 -32.48 -4.80
C SER A 15 8.86 -32.07 -4.04
N SER A 16 9.00 -31.83 -2.74
CA SER A 16 7.87 -31.42 -1.92
C SER A 16 7.81 -29.89 -1.85
N HIS A 17 8.95 -29.25 -2.07
CA HIS A 17 9.01 -27.78 -2.07
C HIS A 17 8.45 -27.28 -3.39
N GLU A 18 8.61 -28.09 -4.43
CA GLU A 18 8.13 -27.74 -5.76
C GLU A 18 6.61 -27.61 -5.75
N GLN A 19 5.95 -28.38 -4.88
CA GLN A 19 4.49 -28.34 -4.79
C GLN A 19 3.92 -27.49 -3.64
N MET A 20 4.77 -27.11 -2.68
CA MET A 20 4.28 -26.26 -1.60
C MET A 20 3.82 -24.98 -2.30
N LEU A 21 4.54 -24.61 -3.36
CA LEU A 21 4.24 -23.42 -4.13
C LEU A 21 3.06 -23.58 -5.08
N ALA A 22 2.60 -24.81 -5.29
CA ALA A 22 1.48 -25.04 -6.20
C ALA A 22 0.21 -25.49 -5.48
N GLN A 23 0.34 -25.78 -4.19
CA GLN A 23 -0.78 -26.23 -3.38
C GLN A 23 -1.88 -25.15 -3.21
N PRO A 24 -3.15 -25.55 -3.31
CA PRO A 24 -4.23 -24.56 -3.13
C PRO A 24 -4.28 -24.07 -1.68
N LEU A 25 -4.87 -22.90 -1.47
CA LEU A 25 -4.97 -22.33 -0.13
C LEU A 25 -5.71 -23.23 0.84
N LYS A 26 -6.77 -23.87 0.35
CA LYS A 26 -7.59 -24.77 1.17
C LYS A 26 -6.78 -25.89 1.82
N ASP A 27 -5.77 -26.40 1.10
CA ASP A 27 -4.92 -27.48 1.62
C ASP A 27 -3.68 -26.92 2.31
N SER A 28 -3.12 -25.85 1.73
CA SER A 28 -1.93 -25.22 2.26
C SER A 28 -2.13 -24.59 3.65
N ASP A 29 -3.18 -23.80 3.80
CA ASP A 29 -3.43 -23.12 5.06
C ASP A 29 -4.89 -23.17 5.48
N ALA A 30 -5.28 -24.29 6.08
CA ALA A 30 -6.63 -24.51 6.54
C ALA A 30 -7.16 -23.41 7.47
N GLU A 31 -6.32 -22.92 8.38
CA GLU A 31 -6.72 -21.89 9.33
C GLU A 31 -7.13 -20.57 8.67
N VAL A 32 -6.30 -20.09 7.75
CA VAL A 32 -6.61 -18.85 7.06
C VAL A 32 -7.84 -19.09 6.18
N TYR A 33 -7.86 -20.22 5.49
CA TYR A 33 -8.98 -20.56 4.62
C TYR A 33 -10.29 -20.54 5.39
N ASP A 34 -10.27 -21.04 6.64
CA ASP A 34 -11.47 -21.06 7.46
C ASP A 34 -11.93 -19.64 7.82
N ILE A 35 -10.97 -18.77 8.12
CA ILE A 35 -11.30 -17.39 8.47
C ILE A 35 -11.98 -16.68 7.31
N ILE A 36 -11.48 -16.91 6.10
CA ILE A 36 -12.06 -16.29 4.92
C ILE A 36 -13.51 -16.77 4.74
N LYS A 37 -13.73 -18.06 4.97
CA LYS A 37 -15.07 -18.62 4.85
C LYS A 37 -16.04 -17.98 5.84
N LYS A 38 -15.61 -17.84 7.08
CA LYS A 38 -16.48 -17.23 8.10
C LYS A 38 -16.76 -15.76 7.81
N GLU A 39 -15.77 -15.05 7.26
CA GLU A 39 -15.92 -13.65 6.92
C GLU A 39 -16.86 -13.51 5.71
N SER A 40 -16.71 -14.42 4.75
CA SER A 40 -17.55 -14.40 3.55
C SER A 40 -19.00 -14.56 3.99
N ASN A 41 -19.23 -15.47 4.94
CA ASN A 41 -20.56 -15.73 5.46
C ASN A 41 -21.10 -14.57 6.29
N ARG A 42 -20.23 -13.92 7.05
CA ARG A 42 -20.65 -12.79 7.87
C ARG A 42 -21.15 -11.65 6.97
N GLN A 43 -20.49 -11.46 5.84
CA GLN A 43 -20.87 -10.41 4.89
C GLN A 43 -22.22 -10.70 4.24
N ARG A 44 -22.52 -11.98 4.04
CA ARG A 44 -23.75 -12.42 3.41
C ARG A 44 -25.00 -12.19 4.25
N VAL A 45 -24.92 -12.49 5.54
CA VAL A 45 -26.09 -12.36 6.41
C VAL A 45 -26.23 -11.01 7.11
N GLY A 46 -25.37 -10.05 6.77
CA GLY A 46 -25.47 -8.76 7.41
C GLY A 46 -25.95 -7.65 6.49
N LEU A 47 -26.31 -6.51 7.08
CA LEU A 47 -26.74 -5.34 6.30
C LEU A 47 -25.63 -4.30 6.42
N GLU A 48 -24.91 -4.08 5.32
CA GLU A 48 -23.82 -3.12 5.28
C GLU A 48 -24.25 -1.70 4.96
N LEU A 49 -24.24 -0.83 5.96
CA LEU A 49 -24.63 0.56 5.77
C LEU A 49 -23.47 1.53 5.98
N ILE A 50 -22.27 1.01 6.18
CA ILE A 50 -21.11 1.88 6.35
C ILE A 50 -20.83 2.46 4.96
N ALA A 51 -20.90 3.78 4.88
CA ALA A 51 -20.72 4.52 3.63
C ALA A 51 -19.42 4.31 2.84
N SER A 52 -18.38 3.82 3.49
CA SER A 52 -17.12 3.64 2.78
C SER A 52 -16.89 2.23 2.27
N GLU A 53 -17.88 1.37 2.41
CA GLU A 53 -17.72 0.00 1.94
C GLU A 53 -18.51 -0.35 0.69
N ASN A 54 -18.02 -1.36 -0.01
CA ASN A 54 -18.65 -1.84 -1.23
C ASN A 54 -18.18 -3.26 -1.50
N PHE A 55 -18.67 -3.86 -2.58
CA PHE A 55 -18.27 -5.22 -2.94
C PHE A 55 -17.61 -5.20 -4.31
N ALA A 56 -16.34 -5.55 -4.36
CA ALA A 56 -15.60 -5.57 -5.61
C ALA A 56 -16.04 -6.74 -6.46
N SER A 57 -16.02 -6.55 -7.79
CA SER A 57 -16.43 -7.60 -8.70
C SER A 57 -15.42 -8.72 -8.76
N ARG A 58 -15.87 -9.86 -9.26
CA ARG A 58 -15.05 -11.06 -9.40
C ARG A 58 -13.83 -10.79 -10.27
N ALA A 59 -14.05 -10.11 -11.40
CA ALA A 59 -12.98 -9.81 -12.34
C ALA A 59 -11.85 -9.03 -11.68
N VAL A 60 -12.22 -8.01 -10.90
CA VAL A 60 -11.24 -7.20 -10.18
C VAL A 60 -10.42 -8.05 -9.22
N LEU A 61 -11.10 -8.92 -8.46
CA LEU A 61 -10.42 -9.78 -7.52
C LEU A 61 -9.52 -10.80 -8.21
N GLU A 62 -9.91 -11.21 -9.42
CA GLU A 62 -9.08 -12.18 -10.15
C GLU A 62 -7.76 -11.53 -10.55
N ALA A 63 -7.81 -10.27 -10.95
CA ALA A 63 -6.60 -9.56 -11.35
C ALA A 63 -5.61 -9.40 -10.18
N LEU A 64 -6.13 -9.30 -8.95
CA LEU A 64 -5.28 -9.13 -7.77
C LEU A 64 -4.39 -10.33 -7.49
N GLY A 65 -4.90 -11.52 -7.78
CA GLY A 65 -4.12 -12.72 -7.51
C GLY A 65 -3.32 -13.20 -8.70
N SER A 66 -3.12 -12.34 -9.68
CA SER A 66 -2.36 -12.72 -10.87
C SER A 66 -0.85 -12.77 -10.64
N CYS A 67 -0.11 -13.14 -11.70
CA CYS A 67 1.34 -13.23 -11.65
C CYS A 67 1.97 -11.83 -11.70
N LEU A 68 1.14 -10.80 -11.77
CA LEU A 68 1.65 -9.43 -11.79
C LEU A 68 2.26 -9.13 -10.41
N ASN A 69 1.91 -9.95 -9.43
CA ASN A 69 2.45 -9.80 -8.08
C ASN A 69 3.98 -9.97 -8.08
N ASN A 70 4.48 -10.80 -8.99
CA ASN A 70 5.92 -11.08 -9.08
C ASN A 70 6.79 -10.01 -9.76
N LYS A 71 6.21 -9.24 -10.68
CA LYS A 71 6.99 -8.23 -11.40
C LYS A 71 7.35 -6.99 -10.58
N TYR A 72 8.65 -6.77 -10.38
CA TYR A 72 9.17 -5.60 -9.64
C TYR A 72 9.57 -4.58 -10.72
N SER A 73 8.93 -3.41 -10.70
CA SER A 73 9.22 -2.39 -11.70
C SER A 73 9.29 -0.96 -11.17
N LEU A 74 10.44 -0.57 -10.67
CA LEU A 74 10.60 0.77 -10.16
C LEU A 74 10.54 1.78 -11.31
N GLY A 75 9.89 2.91 -11.06
CA GLY A 75 9.80 3.95 -12.07
C GLY A 75 8.46 4.04 -12.78
N TYR A 76 8.45 4.74 -13.91
CA TYR A 76 7.24 4.91 -14.69
C TYR A 76 7.48 4.50 -16.16
N PRO A 77 6.39 4.30 -16.92
CA PRO A 77 6.54 3.91 -18.33
C PRO A 77 7.46 4.90 -19.05
N GLY A 78 8.50 4.39 -19.71
CA GLY A 78 9.43 5.26 -20.40
C GLY A 78 10.54 5.76 -19.48
N GLN A 79 10.37 5.51 -18.18
CA GLN A 79 11.34 5.93 -17.16
C GLN A 79 11.55 4.79 -16.16
N ARG A 80 11.83 3.58 -16.64
CA ARG A 80 12.03 2.44 -15.75
C ARG A 80 13.47 2.26 -15.30
N TYR A 81 13.64 1.84 -14.05
CA TYR A 81 14.97 1.59 -13.51
C TYR A 81 15.43 0.21 -13.99
N TYR A 82 14.52 -0.76 -13.99
CA TYR A 82 14.82 -2.12 -14.43
C TYR A 82 14.21 -2.39 -15.79
N GLY A 83 14.61 -3.50 -16.40
CA GLY A 83 14.10 -3.88 -17.71
C GLY A 83 13.10 -5.02 -17.66
N GLY A 84 12.62 -5.42 -18.83
CA GLY A 84 11.64 -6.49 -18.88
C GLY A 84 10.27 -5.97 -18.46
N THR A 85 9.97 -4.72 -18.82
CA THR A 85 8.70 -4.12 -18.46
C THR A 85 7.77 -3.86 -19.64
N GLU A 86 7.95 -4.60 -20.74
CA GLU A 86 7.11 -4.41 -21.92
C GLU A 86 5.61 -4.47 -21.60
N HIS A 87 5.20 -5.50 -20.85
CA HIS A 87 3.79 -5.68 -20.51
C HIS A 87 3.35 -4.83 -19.31
N ILE A 88 4.26 -4.58 -18.37
CA ILE A 88 3.92 -3.75 -17.23
C ILE A 88 3.65 -2.33 -17.75
N ASP A 89 4.37 -1.94 -18.82
CA ASP A 89 4.17 -0.64 -19.43
C ASP A 89 2.81 -0.60 -20.11
N GLU A 90 2.47 -1.67 -20.81
CA GLU A 90 1.18 -1.75 -21.47
C GLU A 90 0.10 -1.59 -20.40
N LEU A 91 0.28 -2.27 -19.28
CA LEU A 91 -0.69 -2.22 -18.18
C LEU A 91 -0.86 -0.83 -17.59
N GLU A 92 0.22 -0.24 -17.10
CA GLU A 92 0.13 1.08 -16.48
C GLU A 92 -0.40 2.10 -17.48
N THR A 93 0.10 2.07 -18.71
CA THR A 93 -0.33 3.00 -19.74
C THR A 93 -1.85 2.84 -19.94
N LEU A 94 -2.29 1.59 -20.08
CA LEU A 94 -3.70 1.32 -20.26
C LEU A 94 -4.51 1.87 -19.08
N CYS A 95 -4.00 1.62 -17.88
CA CYS A 95 -4.70 2.10 -16.69
C CYS A 95 -4.85 3.61 -16.67
N GLN A 96 -3.79 4.32 -17.05
CA GLN A 96 -3.84 5.78 -17.10
C GLN A 96 -4.85 6.26 -18.16
N LYS A 97 -4.86 5.60 -19.32
CA LYS A 97 -5.76 5.97 -20.40
C LYS A 97 -7.23 5.80 -19.99
N ARG A 98 -7.53 4.71 -19.30
CA ARG A 98 -8.91 4.47 -18.86
C ARG A 98 -9.32 5.43 -17.75
N ALA A 99 -8.36 5.85 -16.93
CA ALA A 99 -8.67 6.78 -15.86
C ALA A 99 -9.08 8.13 -16.42
N LEU A 100 -8.33 8.63 -17.40
CA LEU A 100 -8.65 9.92 -18.01
C LEU A 100 -9.97 9.84 -18.75
N GLN A 101 -10.15 8.73 -19.46
CA GLN A 101 -11.35 8.48 -20.23
C GLN A 101 -12.58 8.43 -19.34
N ALA A 102 -12.51 7.61 -18.30
CA ALA A 102 -13.63 7.44 -17.39
C ALA A 102 -14.16 8.76 -16.87
N TYR A 103 -13.29 9.76 -16.68
CA TYR A 103 -13.72 11.05 -16.16
C TYR A 103 -13.87 12.13 -17.22
N GLY A 104 -13.79 11.71 -18.49
CA GLY A 104 -13.92 12.63 -19.61
C GLY A 104 -12.87 13.71 -19.66
N LEU A 105 -11.62 13.34 -19.40
CA LEU A 105 -10.51 14.29 -19.39
C LEU A 105 -9.63 14.23 -20.64
N ASP A 106 -9.29 15.41 -21.17
CA ASP A 106 -8.43 15.52 -22.35
C ASP A 106 -6.99 15.36 -21.87
N PRO A 107 -6.28 14.32 -22.34
CA PRO A 107 -4.89 14.09 -21.94
C PRO A 107 -3.93 15.26 -22.18
N GLN A 108 -4.38 16.30 -22.87
CA GLN A 108 -3.53 17.46 -23.11
C GLN A 108 -3.69 18.45 -21.95
N CYS A 109 -4.77 18.29 -21.20
CA CYS A 109 -5.07 19.16 -20.07
C CYS A 109 -4.99 18.45 -18.70
N TRP A 110 -5.01 17.12 -18.73
CA TRP A 110 -4.94 16.32 -17.50
C TRP A 110 -4.01 15.11 -17.64
N GLY A 111 -3.36 14.77 -16.53
CA GLY A 111 -2.48 13.60 -16.50
C GLY A 111 -2.84 12.83 -15.23
N VAL A 112 -2.33 11.62 -15.08
CA VAL A 112 -2.66 10.85 -13.89
C VAL A 112 -1.60 9.84 -13.44
N ASN A 113 -1.42 9.76 -12.14
CA ASN A 113 -0.45 8.84 -11.56
C ASN A 113 -1.28 7.74 -10.88
N VAL A 114 -1.03 6.49 -11.25
CA VAL A 114 -1.78 5.37 -10.68
C VAL A 114 -1.01 4.47 -9.72
N GLN A 115 0.09 4.93 -9.16
CA GLN A 115 0.88 4.11 -8.24
C GLN A 115 0.58 4.21 -6.74
N PRO A 116 -0.08 5.28 -6.27
CA PRO A 116 -0.35 5.33 -4.83
C PRO A 116 -0.95 4.03 -4.31
N TYR A 117 -0.42 3.52 -3.18
CA TYR A 117 -0.90 2.27 -2.60
C TYR A 117 -2.32 2.39 -2.05
N SER A 118 -2.72 3.59 -1.68
CA SER A 118 -4.06 3.79 -1.13
C SER A 118 -4.40 5.27 -1.15
N GLY A 119 -5.54 5.63 -0.55
CA GLY A 119 -5.96 7.01 -0.52
C GLY A 119 -5.11 7.94 0.32
N SER A 120 -4.77 7.50 1.54
CA SER A 120 -3.95 8.32 2.42
C SER A 120 -2.60 8.62 1.79
N PRO A 121 -1.95 7.60 1.21
CA PRO A 121 -0.64 7.84 0.57
C PRO A 121 -0.75 8.80 -0.60
N ALA A 122 -1.88 8.77 -1.32
CA ALA A 122 -2.07 9.64 -2.48
C ALA A 122 -2.09 11.11 -2.03
N ASN A 123 -2.82 11.39 -0.95
CA ASN A 123 -2.91 12.75 -0.43
C ASN A 123 -1.56 13.23 0.06
N PHE A 124 -0.89 12.39 0.83
CA PHE A 124 0.40 12.73 1.38
C PHE A 124 1.43 13.05 0.30
N ALA A 125 1.40 12.30 -0.80
CA ALA A 125 2.34 12.56 -1.88
C ALA A 125 2.09 13.93 -2.50
N VAL A 126 0.83 14.34 -2.60
CA VAL A 126 0.50 15.63 -3.17
C VAL A 126 1.01 16.77 -2.26
N TYR A 127 0.81 16.61 -0.95
CA TYR A 127 1.27 17.62 -0.01
C TYR A 127 2.79 17.74 -0.13
N THR A 128 3.46 16.59 -0.18
CA THR A 128 4.90 16.53 -0.28
C THR A 128 5.39 17.25 -1.52
N ALA A 129 4.64 17.09 -2.61
CA ALA A 129 5.02 17.71 -3.87
C ALA A 129 4.70 19.20 -4.01
N LEU A 130 3.50 19.63 -3.65
CA LEU A 130 3.12 21.02 -3.80
C LEU A 130 3.24 21.94 -2.60
N VAL A 131 3.29 21.36 -1.40
CA VAL A 131 3.35 22.15 -0.19
C VAL A 131 4.73 22.23 0.47
N GLU A 132 5.40 21.09 0.59
CA GLU A 132 6.71 21.02 1.22
C GLU A 132 6.60 21.14 2.75
N PRO A 133 7.59 20.63 3.48
CA PRO A 133 7.60 20.68 4.95
C PRO A 133 7.17 22.00 5.57
N HIS A 134 6.22 21.93 6.50
CA HIS A 134 5.69 23.09 7.20
C HIS A 134 4.87 24.06 6.38
N GLY A 135 4.55 23.69 5.15
CA GLY A 135 3.72 24.55 4.31
C GLY A 135 2.30 24.51 4.86
N ARG A 136 1.54 25.56 4.59
CA ARG A 136 0.19 25.63 5.11
C ARG A 136 -0.89 24.99 4.27
N ILE A 137 -1.75 24.22 4.95
CA ILE A 137 -2.84 23.47 4.32
C ILE A 137 -4.14 23.67 5.08
N MET A 138 -5.24 23.86 4.36
CA MET A 138 -6.53 24.04 5.00
C MET A 138 -7.50 22.97 4.54
N GLY A 139 -8.19 22.36 5.50
CA GLY A 139 -9.15 21.33 5.17
C GLY A 139 -10.35 21.32 6.11
N LEU A 140 -11.43 20.67 5.67
CA LEU A 140 -12.64 20.57 6.48
C LEU A 140 -12.32 19.90 7.83
N ASP A 141 -12.76 20.53 8.91
CA ASP A 141 -12.55 20.03 10.27
C ASP A 141 -13.11 18.61 10.44
N LEU A 142 -12.39 17.76 11.16
CA LEU A 142 -12.82 16.38 11.38
C LEU A 142 -14.25 16.20 11.91
N PRO A 143 -14.59 16.86 13.02
CA PRO A 143 -15.96 16.72 13.57
C PRO A 143 -17.05 17.28 12.65
N ASP A 144 -16.65 18.01 11.62
CA ASP A 144 -17.60 18.58 10.66
C ASP A 144 -17.67 17.75 9.38
N GLY A 145 -17.02 16.59 9.39
CA GLY A 145 -17.04 15.72 8.22
C GLY A 145 -15.75 15.60 7.42
N GLY A 146 -14.65 16.11 7.96
CA GLY A 146 -13.39 16.01 7.25
C GLY A 146 -12.66 14.69 7.47
N HIS A 147 -11.59 14.47 6.70
CA HIS A 147 -10.81 13.25 6.82
C HIS A 147 -9.48 13.51 7.53
N LEU A 148 -8.97 12.49 8.23
CA LEU A 148 -7.69 12.58 8.95
C LEU A 148 -6.57 13.17 8.11
N THR A 149 -6.40 12.68 6.89
CA THR A 149 -5.33 13.15 6.02
C THR A 149 -5.46 14.61 5.59
N HIS A 150 -6.54 15.27 6.01
CA HIS A 150 -6.75 16.68 5.65
C HIS A 150 -6.26 17.54 6.81
N GLY A 151 -5.81 16.87 7.88
CA GLY A 151 -5.33 17.59 9.03
C GLY A 151 -6.08 17.24 10.28
N PHE A 152 -5.34 16.92 11.33
CA PHE A 152 -5.94 16.59 12.61
C PHE A 152 -4.93 16.85 13.72
N MET A 153 -5.27 17.81 14.57
CA MET A 153 -4.41 18.17 15.70
C MET A 153 -5.24 18.80 16.82
N THR A 154 -4.70 18.77 18.05
CA THR A 154 -5.40 19.36 19.18
C THR A 154 -4.48 20.48 19.66
N ASP A 155 -4.83 21.11 20.78
CA ASP A 155 -3.98 22.20 21.27
C ASP A 155 -2.66 21.69 21.85
N LYS A 156 -2.58 20.40 22.14
CA LYS A 156 -1.36 19.83 22.72
C LYS A 156 -0.60 18.83 21.85
N LYS A 157 -1.25 18.22 20.87
CA LYS A 157 -0.57 17.23 20.03
C LYS A 157 -1.04 17.19 18.57
N LYS A 158 -0.12 16.84 17.68
CA LYS A 158 -0.39 16.69 16.24
C LYS A 158 -0.54 15.20 15.97
N ILE A 159 -1.74 14.78 15.58
CA ILE A 159 -2.03 13.35 15.35
C ILE A 159 -1.84 12.84 13.93
N SER A 160 -2.45 13.52 12.97
CA SER A 160 -2.35 13.12 11.58
C SER A 160 -0.96 13.44 11.05
N ALA A 161 -0.46 12.61 10.14
CA ALA A 161 0.86 12.86 9.56
C ALA A 161 0.79 14.17 8.79
N THR A 162 -0.39 14.54 8.33
CA THR A 162 -0.55 15.78 7.61
C THR A 162 -0.26 16.94 8.56
N SER A 163 -0.72 16.83 9.80
CA SER A 163 -0.51 17.87 10.79
C SER A 163 0.90 17.86 11.41
N ILE A 164 1.56 16.70 11.35
CA ILE A 164 2.90 16.57 11.90
C ILE A 164 3.97 17.15 10.99
N PHE A 165 3.84 16.94 9.69
CA PHE A 165 4.85 17.41 8.75
C PHE A 165 4.51 18.72 8.05
N PHE A 166 3.26 19.13 8.16
CA PHE A 166 2.81 20.36 7.53
C PHE A 166 2.07 21.20 8.58
N GLU A 167 1.71 22.43 8.23
CA GLU A 167 0.96 23.29 9.14
C GLU A 167 -0.48 23.35 8.63
N SER A 168 -1.37 22.66 9.33
CA SER A 168 -2.77 22.61 8.97
C SER A 168 -3.67 23.43 9.87
N MET A 169 -4.78 23.89 9.29
CA MET A 169 -5.80 24.64 10.02
C MET A 169 -7.09 24.30 9.31
N ALA A 170 -8.10 23.91 10.07
CA ALA A 170 -9.37 23.54 9.47
C ALA A 170 -10.35 24.69 9.26
N TYR A 171 -11.38 24.42 8.47
CA TYR A 171 -12.46 25.38 8.25
C TYR A 171 -13.67 24.55 8.65
N LYS A 172 -14.72 25.22 9.11
CA LYS A 172 -15.90 24.51 9.60
C LYS A 172 -17.17 24.69 8.80
N VAL A 173 -18.21 23.95 9.19
CA VAL A 173 -19.51 24.06 8.56
C VAL A 173 -20.30 24.93 9.53
N ASN A 174 -21.38 25.53 9.06
CA ASN A 174 -22.23 26.34 9.92
C ASN A 174 -23.06 25.32 10.71
N PRO A 175 -22.98 25.35 12.05
CA PRO A 175 -23.76 24.39 12.85
C PRO A 175 -25.28 24.52 12.76
N ASP A 176 -25.77 25.62 12.21
CA ASP A 176 -27.21 25.82 12.12
C ASP A 176 -27.79 25.29 10.81
N THR A 177 -26.99 25.30 9.75
CA THR A 177 -27.44 24.83 8.44
C THR A 177 -26.82 23.47 8.06
N GLY A 178 -25.67 23.17 8.65
CA GLY A 178 -24.99 21.93 8.34
C GLY A 178 -24.15 22.10 7.08
N TYR A 179 -24.14 23.29 6.51
CA TYR A 179 -23.36 23.53 5.30
C TYR A 179 -22.00 24.18 5.57
N ILE A 180 -21.05 23.96 4.68
CA ILE A 180 -19.74 24.57 4.83
C ILE A 180 -19.88 26.09 4.77
N ASP A 181 -19.29 26.77 5.74
CA ASP A 181 -19.35 28.23 5.79
C ASP A 181 -18.26 28.81 4.90
N TYR A 182 -18.54 28.99 3.61
CA TYR A 182 -17.53 29.54 2.69
C TYR A 182 -17.09 30.96 3.04
N ASP A 183 -18.00 31.77 3.55
CA ASP A 183 -17.64 33.15 3.90
C ASP A 183 -16.51 33.19 4.94
N ARG A 184 -16.65 32.40 6.01
CA ARG A 184 -15.63 32.39 7.05
C ARG A 184 -14.32 31.83 6.52
N LEU A 185 -14.40 30.84 5.64
CA LEU A 185 -13.19 30.25 5.06
C LEU A 185 -12.46 31.31 4.26
N GLU A 186 -13.20 32.05 3.44
CA GLU A 186 -12.61 33.09 2.62
C GLU A 186 -11.88 34.09 3.50
N GLU A 187 -12.48 34.45 4.63
CA GLU A 187 -11.86 35.40 5.54
C GLU A 187 -10.60 34.83 6.21
N ASN A 188 -10.71 33.64 6.78
CA ASN A 188 -9.57 33.02 7.46
C ASN A 188 -8.38 32.71 6.56
N ALA A 189 -8.65 32.43 5.28
CA ALA A 189 -7.60 32.13 4.34
C ALA A 189 -6.67 33.33 4.11
N ARG A 190 -7.21 34.55 4.23
CA ARG A 190 -6.40 35.74 4.04
C ARG A 190 -5.41 35.94 5.20
N LEU A 191 -5.73 35.37 6.36
CA LEU A 191 -4.86 35.47 7.53
C LEU A 191 -3.91 34.27 7.62
N PHE A 192 -4.42 33.08 7.27
CA PHE A 192 -3.61 31.87 7.34
C PHE A 192 -2.63 31.70 6.18
N HIS A 193 -2.97 32.22 5.01
CA HIS A 193 -2.12 32.10 3.82
C HIS A 193 -1.84 30.63 3.44
N PRO A 194 -2.89 29.86 3.14
CA PRO A 194 -2.63 28.46 2.79
C PRO A 194 -1.94 28.33 1.44
N LYS A 195 -1.14 27.28 1.28
CA LYS A 195 -0.49 27.04 0.00
C LYS A 195 -1.36 26.04 -0.76
N LEU A 196 -2.27 25.39 -0.03
CA LEU A 196 -3.16 24.41 -0.62
C LEU A 196 -4.45 24.27 0.19
N ILE A 197 -5.58 24.20 -0.51
CA ILE A 197 -6.89 24.06 0.14
C ILE A 197 -7.50 22.75 -0.34
N ILE A 198 -8.04 21.98 0.60
CA ILE A 198 -8.63 20.70 0.29
C ILE A 198 -10.15 20.67 0.23
N ALA A 199 -10.70 20.22 -0.89
CA ALA A 199 -12.13 20.09 -1.05
C ALA A 199 -12.44 18.60 -1.12
N GLY A 200 -12.88 18.04 0.00
CA GLY A 200 -13.20 16.62 0.06
C GLY A 200 -13.74 16.26 1.43
N THR A 201 -14.63 15.27 1.50
CA THR A 201 -15.22 14.90 2.79
C THR A 201 -15.38 13.41 3.02
N SER A 202 -15.57 13.05 4.29
CA SER A 202 -15.79 11.65 4.69
C SER A 202 -17.22 11.47 5.19
N CYS A 203 -17.83 12.56 5.61
CA CYS A 203 -19.20 12.52 6.10
C CYS A 203 -19.90 13.85 5.88
N TYR A 204 -20.19 14.15 4.62
CA TYR A 204 -20.88 15.38 4.23
C TYR A 204 -21.84 14.95 3.11
N SER A 205 -23.13 15.17 3.33
CA SER A 205 -24.15 14.75 2.37
C SER A 205 -24.40 15.70 1.20
N ARG A 206 -23.69 16.81 1.12
CA ARG A 206 -23.92 17.76 0.04
C ARG A 206 -22.78 17.96 -0.96
N ASN A 207 -23.12 18.50 -2.12
CA ASN A 207 -22.13 18.78 -3.15
C ASN A 207 -21.27 19.95 -2.65
N LEU A 208 -20.02 20.01 -3.11
CA LEU A 208 -19.10 21.08 -2.71
C LEU A 208 -19.07 22.18 -3.76
N ASP A 209 -18.99 23.43 -3.32
CA ASP A 209 -18.93 24.55 -4.26
C ASP A 209 -17.50 24.74 -4.75
N TYR A 210 -17.08 23.87 -5.67
CA TYR A 210 -15.74 23.93 -6.22
C TYR A 210 -15.42 25.29 -6.82
N GLY A 211 -16.39 25.88 -7.51
CA GLY A 211 -16.16 27.19 -8.12
C GLY A 211 -15.78 28.25 -7.10
N ARG A 212 -16.52 28.28 -5.99
CA ARG A 212 -16.27 29.23 -4.93
C ARG A 212 -14.89 28.97 -4.30
N LEU A 213 -14.55 27.70 -4.07
CA LEU A 213 -13.28 27.34 -3.48
C LEU A 213 -12.13 27.69 -4.39
N ARG A 214 -12.33 27.55 -5.70
CA ARG A 214 -11.28 27.88 -6.65
C ARG A 214 -10.99 29.39 -6.59
N LYS A 215 -12.04 30.19 -6.47
CA LYS A 215 -11.86 31.63 -6.39
C LYS A 215 -11.09 32.01 -5.14
N ILE A 216 -11.42 31.37 -4.02
CA ILE A 216 -10.71 31.62 -2.77
C ILE A 216 -9.25 31.18 -2.88
N ALA A 217 -9.01 30.04 -3.52
CA ALA A 217 -7.65 29.55 -3.71
C ALA A 217 -6.85 30.52 -4.57
N ASP A 218 -7.40 30.91 -5.72
CA ASP A 218 -6.70 31.84 -6.62
C ASP A 218 -6.41 33.18 -5.95
N GLU A 219 -7.29 33.58 -5.04
CA GLU A 219 -7.13 34.83 -4.31
C GLU A 219 -5.87 34.80 -3.43
N ASN A 220 -5.54 33.64 -2.88
CA ASN A 220 -4.37 33.51 -2.01
C ASN A 220 -3.19 32.84 -2.68
N GLY A 221 -3.30 32.66 -4.00
CA GLY A 221 -2.25 32.01 -4.76
C GLY A 221 -2.05 30.54 -4.45
N ALA A 222 -3.04 29.93 -3.81
CA ALA A 222 -2.97 28.53 -3.43
C ALA A 222 -3.51 27.56 -4.47
N TYR A 223 -3.15 26.29 -4.31
CA TYR A 223 -3.63 25.24 -5.19
C TYR A 223 -4.94 24.75 -4.60
N LEU A 224 -5.85 24.28 -5.45
CA LEU A 224 -7.10 23.73 -4.96
C LEU A 224 -7.05 22.22 -5.26
N MET A 225 -7.11 21.43 -4.20
CA MET A 225 -7.04 19.98 -4.35
C MET A 225 -8.35 19.34 -3.90
N ALA A 226 -8.91 18.51 -4.76
CA ALA A 226 -10.14 17.82 -4.43
C ALA A 226 -9.82 16.39 -4.03
N ASP A 227 -10.39 15.94 -2.92
CA ASP A 227 -10.21 14.55 -2.49
C ASP A 227 -11.60 13.96 -2.69
N MET A 228 -11.83 13.35 -3.85
CA MET A 228 -13.16 12.81 -4.15
C MET A 228 -13.37 11.36 -3.79
N ALA A 229 -12.54 10.84 -2.91
CA ALA A 229 -12.62 9.43 -2.49
C ALA A 229 -14.04 8.88 -2.35
N HIS A 230 -14.88 9.56 -1.56
CA HIS A 230 -16.24 9.11 -1.32
C HIS A 230 -17.21 9.18 -2.50
N ILE A 231 -17.01 10.12 -3.41
CA ILE A 231 -17.92 10.29 -4.53
C ILE A 231 -17.33 9.97 -5.92
N SER A 232 -16.12 9.39 -5.96
CA SER A 232 -15.48 9.09 -7.24
C SER A 232 -16.37 8.27 -8.19
N GLY A 233 -17.21 7.40 -7.63
CA GLY A 233 -18.08 6.61 -8.46
C GLY A 233 -19.26 7.42 -8.97
N LEU A 234 -19.78 8.28 -8.10
CA LEU A 234 -20.90 9.13 -8.47
C LEU A 234 -20.46 10.08 -9.57
N VAL A 235 -19.22 10.56 -9.47
CA VAL A 235 -18.69 11.47 -10.46
C VAL A 235 -18.63 10.84 -11.85
N VAL A 236 -18.04 9.64 -11.95
CA VAL A 236 -17.94 8.97 -13.23
C VAL A 236 -19.29 8.82 -13.91
N ALA A 237 -20.30 8.45 -13.13
CA ALA A 237 -21.65 8.25 -13.64
C ALA A 237 -22.39 9.56 -13.98
N GLY A 238 -21.84 10.69 -13.56
CA GLY A 238 -22.48 11.96 -13.83
C GLY A 238 -23.67 12.26 -12.92
N VAL A 239 -23.67 11.66 -11.74
CA VAL A 239 -24.75 11.85 -10.76
C VAL A 239 -24.56 13.04 -9.80
N VAL A 240 -23.33 13.55 -9.71
CA VAL A 240 -23.04 14.71 -8.88
C VAL A 240 -22.03 15.51 -9.71
N PRO A 241 -21.99 16.83 -9.52
CA PRO A 241 -21.05 17.66 -10.29
C PRO A 241 -19.59 17.18 -10.15
N SER A 242 -18.81 17.37 -11.22
CA SER A 242 -17.42 16.96 -11.28
C SER A 242 -16.44 18.01 -10.71
N PRO A 243 -15.46 17.57 -9.92
CA PRO A 243 -14.50 18.53 -9.37
C PRO A 243 -13.41 18.91 -10.36
N PHE A 244 -13.38 18.20 -11.48
CA PHE A 244 -12.37 18.44 -12.52
C PHE A 244 -12.57 19.74 -13.26
N GLU A 245 -13.68 20.40 -13.01
CA GLU A 245 -13.95 21.65 -13.71
C GLU A 245 -13.21 22.83 -13.12
N HIS A 246 -12.96 22.80 -11.82
CA HIS A 246 -12.26 23.92 -11.16
C HIS A 246 -11.00 23.61 -10.37
N CYS A 247 -10.78 22.36 -10.01
CA CYS A 247 -9.61 21.99 -9.22
C CYS A 247 -8.33 21.83 -10.04
N HIS A 248 -7.19 21.97 -9.37
CA HIS A 248 -5.90 21.82 -10.04
C HIS A 248 -5.45 20.36 -9.94
N VAL A 249 -5.86 19.72 -8.84
CA VAL A 249 -5.50 18.34 -8.56
C VAL A 249 -6.69 17.60 -7.95
N VAL A 250 -6.81 16.32 -8.28
CA VAL A 250 -7.89 15.52 -7.73
C VAL A 250 -7.32 14.16 -7.31
N THR A 251 -7.50 13.81 -6.04
CA THR A 251 -7.01 12.53 -5.54
C THR A 251 -8.24 11.70 -5.27
N THR A 252 -8.07 10.38 -5.21
CA THR A 252 -9.19 9.50 -4.94
C THR A 252 -8.71 8.09 -4.64
N THR A 253 -9.55 7.33 -3.95
CA THR A 253 -9.26 5.94 -3.68
C THR A 253 -9.97 5.24 -4.83
N THR A 254 -9.77 3.94 -4.95
CA THR A 254 -10.42 3.21 -6.03
C THR A 254 -11.48 2.26 -5.51
N HIS A 255 -11.61 2.14 -4.19
CA HIS A 255 -12.67 1.31 -3.65
C HIS A 255 -13.82 2.26 -3.32
N LYS A 256 -14.53 2.06 -2.22
CA LYS A 256 -15.64 2.95 -1.88
C LYS A 256 -16.65 2.97 -3.06
N THR A 257 -17.09 4.14 -3.54
CA THR A 257 -18.08 4.14 -4.62
C THR A 257 -17.60 3.72 -6.00
N LEU A 258 -16.29 3.74 -6.23
CA LEU A 258 -15.76 3.34 -7.53
C LEU A 258 -15.78 1.81 -7.63
N ARG A 259 -15.99 1.16 -6.49
CA ARG A 259 -16.09 -0.30 -6.42
C ARG A 259 -14.90 -1.12 -6.93
N GLY A 260 -13.70 -0.63 -6.72
CA GLY A 260 -12.53 -1.38 -7.16
C GLY A 260 -11.79 -1.94 -5.94
N CYS A 261 -10.52 -2.28 -6.14
CA CYS A 261 -9.70 -2.81 -5.07
C CYS A 261 -9.08 -1.60 -4.37
N ARG A 262 -8.35 -1.84 -3.28
CA ARG A 262 -7.72 -0.74 -2.56
C ARG A 262 -6.51 -0.19 -3.28
N ALA A 263 -6.55 1.10 -3.58
CA ALA A 263 -5.46 1.78 -4.27
C ALA A 263 -5.85 3.25 -4.38
N GLY A 264 -4.93 4.07 -4.86
CA GLY A 264 -5.23 5.49 -4.98
C GLY A 264 -4.72 6.05 -6.28
N MET A 265 -5.22 7.21 -6.69
CA MET A 265 -4.80 7.85 -7.93
C MET A 265 -4.72 9.35 -7.74
N ILE A 266 -3.82 9.97 -8.50
CA ILE A 266 -3.68 11.41 -8.45
C ILE A 266 -3.80 11.99 -9.85
N PHE A 267 -4.84 12.80 -10.06
CA PHE A 267 -5.10 13.47 -11.33
C PHE A 267 -4.54 14.89 -11.18
N TYR A 268 -3.83 15.38 -12.19
CA TYR A 268 -3.27 16.72 -12.13
C TYR A 268 -3.39 17.40 -13.49
N ARG A 269 -3.51 18.73 -13.46
CA ARG A 269 -3.63 19.48 -14.69
C ARG A 269 -2.31 19.60 -15.44
N ARG A 270 -2.44 19.65 -16.77
CA ARG A 270 -1.31 19.81 -17.70
C ARG A 270 -1.61 21.03 -18.56
N GLY A 271 -0.56 21.63 -19.12
CA GLY A 271 -0.77 22.78 -19.98
C GLY A 271 -0.53 24.15 -19.39
N VAL A 272 -1.29 25.13 -19.88
CA VAL A 272 -1.16 26.52 -19.44
C VAL A 272 -2.07 26.87 -18.28
N ARG A 273 -1.49 27.50 -17.26
CA ARG A 273 -2.23 27.90 -16.07
C ARG A 273 -2.78 29.31 -16.26
N SER A 274 -1.95 30.20 -16.79
CA SER A 274 -2.33 31.59 -17.03
C SER A 274 -1.58 32.17 -18.23
N GLU A 282 3.19 33.73 -20.20
CA GLU A 282 2.38 32.51 -20.26
C GLU A 282 2.92 31.46 -19.29
N ILE A 283 2.33 31.38 -18.10
CA ILE A 283 2.78 30.42 -17.10
C ILE A 283 2.20 29.01 -17.31
N LEU A 284 3.06 28.00 -17.20
CA LEU A 284 2.68 26.60 -17.39
C LEU A 284 2.63 25.79 -16.10
N TYR A 285 1.77 24.77 -16.09
CA TYR A 285 1.60 23.88 -14.93
C TYR A 285 2.83 23.00 -14.75
N ASN A 286 3.29 22.87 -13.50
CA ASN A 286 4.47 22.07 -13.19
C ASN A 286 4.09 20.93 -12.24
N LEU A 287 2.79 20.66 -12.15
CA LEU A 287 2.29 19.62 -11.26
C LEU A 287 2.81 18.22 -11.58
N GLU A 288 2.79 17.87 -12.86
CA GLU A 288 3.20 16.54 -13.30
C GLU A 288 4.52 16.01 -12.74
N SER A 289 5.64 16.68 -13.05
CA SER A 289 6.92 16.20 -12.55
C SER A 289 7.08 16.27 -11.03
N LEU A 290 6.48 17.27 -10.38
CA LEU A 290 6.58 17.38 -8.92
C LEU A 290 5.86 16.23 -8.24
N ILE A 291 4.67 15.95 -8.73
CA ILE A 291 3.87 14.86 -8.17
C ILE A 291 4.48 13.49 -8.45
N ASN A 292 4.93 13.27 -9.67
CA ASN A 292 5.54 12.00 -10.03
C ASN A 292 6.80 11.75 -9.21
N SER A 293 7.58 12.81 -9.00
CA SER A 293 8.81 12.71 -8.23
C SER A 293 8.52 12.42 -6.75
N ALA A 294 7.43 12.98 -6.24
CA ALA A 294 7.08 12.75 -4.85
C ALA A 294 6.63 11.30 -4.62
N VAL A 295 5.83 10.76 -5.54
CA VAL A 295 5.37 9.38 -5.40
C VAL A 295 6.59 8.46 -5.44
N PHE A 296 7.43 8.63 -6.47
CA PHE A 296 8.66 7.85 -6.61
C PHE A 296 9.72 8.71 -7.31
N PRO A 297 10.96 8.68 -6.80
CA PRO A 297 11.51 7.93 -5.66
C PRO A 297 11.25 8.58 -4.30
N GLY A 298 10.41 9.60 -4.27
CA GLY A 298 10.14 10.26 -3.01
C GLY A 298 9.60 9.40 -1.86
N LEU A 299 8.34 8.98 -1.98
CA LEU A 299 7.67 8.21 -0.92
C LEU A 299 7.46 6.71 -1.09
N GLN A 300 7.46 6.20 -2.31
CA GLN A 300 7.22 4.77 -2.49
C GLN A 300 8.35 4.08 -3.23
N GLY A 301 8.30 2.76 -3.23
CA GLY A 301 9.28 1.97 -3.93
C GLY A 301 8.55 1.35 -5.10
N GLY A 302 8.68 0.04 -5.25
CA GLY A 302 8.02 -0.61 -6.37
C GLY A 302 6.50 -0.54 -6.33
N PRO A 303 5.86 -0.21 -7.46
CA PRO A 303 4.39 -0.15 -7.51
C PRO A 303 3.78 -1.54 -7.40
N HIS A 304 2.54 -1.61 -6.89
CA HIS A 304 1.84 -2.88 -6.76
C HIS A 304 1.11 -3.08 -8.10
N ASN A 305 1.73 -3.78 -9.04
CA ASN A 305 1.15 -3.99 -10.35
C ASN A 305 -0.17 -4.76 -10.36
N HIS A 306 -0.31 -5.73 -9.46
CA HIS A 306 -1.55 -6.48 -9.41
C HIS A 306 -2.68 -5.54 -9.03
N ALA A 307 -2.38 -4.54 -8.21
CA ALA A 307 -3.42 -3.59 -7.81
C ALA A 307 -3.72 -2.65 -8.97
N ILE A 308 -2.70 -2.36 -9.77
CA ILE A 308 -2.92 -1.48 -10.92
C ILE A 308 -3.81 -2.20 -11.96
N ALA A 309 -3.70 -3.53 -12.03
CA ALA A 309 -4.51 -4.28 -12.96
C ALA A 309 -5.96 -4.25 -12.43
N GLY A 310 -6.11 -4.43 -11.12
CA GLY A 310 -7.44 -4.39 -10.53
C GLY A 310 -8.13 -3.07 -10.80
N VAL A 311 -7.39 -1.96 -10.68
CA VAL A 311 -7.96 -0.65 -10.93
C VAL A 311 -8.37 -0.53 -12.40
N ALA A 312 -7.50 -0.96 -13.29
CA ALA A 312 -7.81 -0.90 -14.72
C ALA A 312 -9.14 -1.60 -14.99
N VAL A 313 -9.30 -2.81 -14.44
CA VAL A 313 -10.53 -3.55 -14.61
C VAL A 313 -11.72 -2.79 -13.99
N ALA A 314 -11.51 -2.13 -12.86
CA ALA A 314 -12.60 -1.39 -12.22
C ALA A 314 -13.01 -0.18 -13.06
N LEU A 315 -12.04 0.48 -13.69
CA LEU A 315 -12.33 1.66 -14.50
C LEU A 315 -13.12 1.32 -15.75
N LYS A 316 -12.85 0.17 -16.35
CA LYS A 316 -13.57 -0.26 -17.54
C LYS A 316 -15.01 -0.55 -17.13
N GLN A 317 -15.19 -1.24 -16.01
CA GLN A 317 -16.53 -1.54 -15.53
C GLN A 317 -17.30 -0.27 -15.19
N ALA A 318 -16.61 0.74 -14.67
CA ALA A 318 -17.26 1.99 -14.29
C ALA A 318 -17.75 2.81 -15.49
N MET A 319 -17.24 2.51 -16.68
CA MET A 319 -17.67 3.23 -17.86
C MET A 319 -18.85 2.59 -18.57
N THR A 320 -19.36 1.48 -18.04
CA THR A 320 -20.48 0.82 -18.68
C THR A 320 -21.82 1.44 -18.29
N PRO A 321 -22.83 1.32 -19.17
CA PRO A 321 -24.13 1.90 -18.85
C PRO A 321 -24.73 1.27 -17.59
N GLU A 322 -24.35 0.02 -17.33
CA GLU A 322 -24.82 -0.70 -16.15
C GLU A 322 -24.31 -0.04 -14.88
N PHE A 323 -23.06 0.43 -14.92
CA PHE A 323 -22.49 1.09 -13.76
C PHE A 323 -23.22 2.41 -13.54
N LYS A 324 -23.46 3.14 -14.64
CA LYS A 324 -24.17 4.42 -14.60
C LYS A 324 -25.53 4.21 -13.91
N GLU A 325 -26.18 3.11 -14.29
CA GLU A 325 -27.47 2.75 -13.74
C GLU A 325 -27.34 2.45 -12.25
N TYR A 326 -26.27 1.75 -11.89
CA TYR A 326 -26.00 1.40 -10.51
C TYR A 326 -25.91 2.67 -9.66
N GLN A 327 -25.17 3.65 -10.18
CA GLN A 327 -24.98 4.89 -9.46
C GLN A 327 -26.27 5.69 -9.30
N ARG A 328 -27.17 5.61 -10.28
CA ARG A 328 -28.42 6.32 -10.18
C ARG A 328 -29.25 5.65 -9.07
N GLN A 329 -29.16 4.32 -9.00
CA GLN A 329 -29.90 3.57 -8.01
C GLN A 329 -29.37 3.88 -6.61
N VAL A 330 -28.06 4.06 -6.50
CA VAL A 330 -27.43 4.37 -5.23
C VAL A 330 -28.05 5.64 -4.63
N VAL A 331 -28.10 6.71 -5.43
CA VAL A 331 -28.65 7.99 -4.99
C VAL A 331 -30.15 7.90 -4.71
N ALA A 332 -30.86 7.14 -5.53
CA ALA A 332 -32.29 6.97 -5.37
C ALA A 332 -32.54 6.26 -4.05
N ASN A 333 -31.71 5.25 -3.77
CA ASN A 333 -31.83 4.50 -2.53
C ASN A 333 -31.59 5.38 -1.32
N CYS A 334 -30.57 6.23 -1.40
CA CYS A 334 -30.29 7.12 -0.29
C CYS A 334 -31.49 8.02 -0.03
N ARG A 335 -32.07 8.57 -1.11
CA ARG A 335 -33.24 9.44 -0.99
C ARG A 335 -34.42 8.74 -0.32
N ALA A 336 -34.68 7.50 -0.74
CA ALA A 336 -35.77 6.74 -0.16
C ALA A 336 -35.48 6.45 1.33
N LEU A 337 -34.25 6.06 1.62
CA LEU A 337 -33.87 5.77 3.00
C LEU A 337 -34.04 7.01 3.89
N SER A 338 -33.62 8.18 3.39
CA SER A 338 -33.74 9.40 4.17
C SER A 338 -35.21 9.80 4.37
N ALA A 339 -36.00 9.67 3.31
CA ALA A 339 -37.42 10.01 3.38
C ALA A 339 -38.12 9.11 4.39
N ALA A 340 -37.84 7.81 4.35
CA ALA A 340 -38.45 6.87 5.29
C ALA A 340 -38.09 7.18 6.73
N LEU A 341 -36.84 7.63 6.96
CA LEU A 341 -36.41 7.94 8.32
C LEU A 341 -37.06 9.25 8.80
N VAL A 342 -37.21 10.20 7.90
CA VAL A 342 -37.84 11.47 8.26
C VAL A 342 -39.27 11.15 8.67
N GLU A 343 -39.91 10.26 7.91
CA GLU A 343 -41.30 9.89 8.22
C GLU A 343 -41.40 9.25 9.61
N LEU A 344 -40.33 8.61 10.07
CA LEU A 344 -40.31 7.99 11.39
C LEU A 344 -39.89 9.01 12.46
N GLY A 345 -39.74 10.25 12.05
CA GLY A 345 -39.35 11.31 12.98
C GLY A 345 -37.87 11.57 13.22
N TYR A 346 -37.00 11.06 12.33
CA TYR A 346 -35.58 11.29 12.49
C TYR A 346 -35.14 12.58 11.84
N LYS A 347 -34.16 13.24 12.44
CA LYS A 347 -33.59 14.47 11.93
C LYS A 347 -32.35 14.15 11.09
N ILE A 348 -32.31 14.65 9.86
CA ILE A 348 -31.17 14.45 8.94
C ILE A 348 -30.41 15.77 8.88
N VAL A 349 -29.09 15.74 9.11
CA VAL A 349 -28.28 16.95 9.05
C VAL A 349 -28.34 17.58 7.66
N THR A 350 -28.74 18.86 7.64
CA THR A 350 -28.95 19.68 6.44
C THR A 350 -30.27 19.29 5.79
N GLY A 351 -31.04 18.45 6.47
CA GLY A 351 -32.34 18.02 5.99
C GLY A 351 -32.38 16.90 4.97
N GLY A 352 -31.26 16.60 4.34
CA GLY A 352 -31.25 15.54 3.34
C GLY A 352 -29.88 15.29 2.75
N SER A 353 -29.84 14.80 1.52
CA SER A 353 -28.56 14.50 0.86
C SER A 353 -28.61 14.63 -0.66
N ASP A 354 -27.44 14.79 -1.26
CA ASP A 354 -27.30 14.88 -2.72
C ASP A 354 -26.55 13.65 -3.21
N ASN A 355 -26.06 12.84 -2.27
CA ASN A 355 -25.28 11.68 -2.67
C ASN A 355 -25.65 10.34 -2.07
N HIS A 356 -24.63 9.54 -1.80
CA HIS A 356 -24.79 8.18 -1.27
C HIS A 356 -24.97 8.05 0.25
N LEU A 357 -24.85 9.15 0.99
CA LEU A 357 -24.97 9.02 2.43
C LEU A 357 -25.75 10.12 3.15
N ILE A 358 -26.02 9.86 4.42
CA ILE A 358 -26.73 10.80 5.27
C ILE A 358 -26.22 10.70 6.71
N LEU A 359 -26.26 11.83 7.41
CA LEU A 359 -25.83 11.87 8.79
C LEU A 359 -27.13 12.04 9.58
N VAL A 360 -27.45 11.04 10.40
CA VAL A 360 -28.68 11.10 11.18
C VAL A 360 -28.43 11.59 12.60
N ASP A 361 -29.08 12.70 12.96
CA ASP A 361 -28.93 13.30 14.29
C ASP A 361 -29.87 12.57 15.26
N LEU A 362 -29.32 11.70 16.10
CA LEU A 362 -30.12 10.92 17.04
C LEU A 362 -30.60 11.68 18.27
N ARG A 363 -30.23 12.95 18.42
CA ARG A 363 -30.69 13.71 19.58
C ARG A 363 -32.22 13.81 19.51
N SER A 364 -32.74 13.75 18.28
CA SER A 364 -34.18 13.81 18.04
C SER A 364 -34.90 12.59 18.63
N LYS A 365 -34.12 11.67 19.21
CA LYS A 365 -34.69 10.46 19.82
C LYS A 365 -34.09 10.23 21.20
N GLY A 366 -33.32 11.20 21.68
CA GLY A 366 -32.73 11.10 23.01
C GLY A 366 -31.60 10.10 23.22
N THR A 367 -30.85 9.79 22.18
CA THR A 367 -29.75 8.86 22.30
C THR A 367 -28.57 9.40 21.50
N ASP A 368 -27.53 8.61 21.32
CA ASP A 368 -26.37 9.06 20.56
C ASP A 368 -25.79 7.95 19.69
N GLY A 369 -24.97 8.36 18.72
CA GLY A 369 -24.36 7.40 17.81
C GLY A 369 -23.50 6.36 18.53
N GLY A 370 -22.82 6.80 19.60
CA GLY A 370 -21.97 5.89 20.35
C GLY A 370 -22.68 4.63 20.84
N ARG A 371 -23.87 4.81 21.41
CA ARG A 371 -24.62 3.68 21.92
C ARG A 371 -25.37 2.95 20.81
N ALA A 372 -25.95 3.71 19.89
CA ALA A 372 -26.71 3.14 18.79
C ALA A 372 -25.90 2.23 17.87
N GLU A 373 -24.66 2.61 17.54
CA GLU A 373 -23.84 1.78 16.66
C GLU A 373 -23.58 0.40 17.27
N LYS A 374 -23.42 0.35 18.59
CA LYS A 374 -23.16 -0.92 19.26
C LYS A 374 -24.37 -1.84 19.23
N VAL A 375 -25.56 -1.28 19.49
CA VAL A 375 -26.76 -2.09 19.46
C VAL A 375 -27.04 -2.61 18.04
N LEU A 376 -26.98 -1.70 17.06
CA LEU A 376 -27.21 -2.08 15.67
C LEU A 376 -26.20 -3.14 15.20
N GLU A 377 -24.96 -3.05 15.68
CA GLU A 377 -23.92 -4.00 15.33
C GLU A 377 -24.31 -5.39 15.82
N ALA A 378 -24.80 -5.45 17.06
CA ALA A 378 -25.23 -6.70 17.65
C ALA A 378 -26.39 -7.29 16.85
N CYS A 379 -27.09 -6.43 16.10
CA CYS A 379 -28.22 -6.88 15.29
C CYS A 379 -27.83 -7.13 13.83
N SER A 380 -26.53 -7.15 13.56
CA SER A 380 -26.02 -7.38 12.22
C SER A 380 -26.26 -6.24 11.23
N ILE A 381 -26.46 -5.04 11.78
CA ILE A 381 -26.65 -3.84 10.96
C ILE A 381 -25.39 -2.98 11.18
N ALA A 382 -24.55 -2.92 10.17
CA ALA A 382 -23.31 -2.17 10.28
C ALA A 382 -23.42 -0.72 9.81
N CYS A 383 -22.93 0.19 10.65
CA CYS A 383 -22.89 1.61 10.39
C CYS A 383 -21.94 2.20 11.44
N ASN A 384 -21.69 3.50 11.41
CA ASN A 384 -20.80 4.06 12.41
C ASN A 384 -21.26 5.41 12.97
N LYS A 385 -20.81 5.72 14.18
CA LYS A 385 -21.16 6.97 14.83
C LYS A 385 -20.39 8.10 14.16
N ASN A 386 -20.85 9.33 14.38
CA ASN A 386 -20.20 10.51 13.83
C ASN A 386 -20.76 11.71 14.57
N THR A 387 -19.92 12.70 14.81
CA THR A 387 -20.38 13.89 15.52
C THR A 387 -21.26 14.71 14.57
N CYS A 388 -22.18 15.47 15.12
CA CYS A 388 -23.03 16.32 14.31
C CYS A 388 -22.46 17.73 14.47
N PRO A 389 -22.71 18.62 13.51
CA PRO A 389 -22.20 19.99 13.58
C PRO A 389 -22.35 20.64 14.97
N GLY A 390 -23.50 20.47 15.61
CA GLY A 390 -23.69 21.04 16.93
C GLY A 390 -22.70 20.46 17.93
N ASP A 391 -23.01 19.25 18.40
CA ASP A 391 -22.18 18.51 19.36
C ASP A 391 -21.11 19.27 20.13
N LYS A 392 -21.32 19.36 21.44
CA LYS A 392 -20.39 20.04 22.32
C LYS A 392 -19.46 19.03 22.99
N SER A 393 -19.37 17.83 22.41
CA SER A 393 -18.51 16.78 22.96
C SER A 393 -18.29 15.68 21.94
N ALA A 394 -17.03 15.28 21.77
CA ALA A 394 -16.67 14.22 20.83
C ALA A 394 -16.79 12.84 21.49
N LEU A 395 -16.92 12.83 22.80
CA LEU A 395 -17.04 11.58 23.55
C LEU A 395 -18.49 11.08 23.55
N ARG A 396 -19.37 11.84 22.93
CA ARG A 396 -20.79 11.48 22.85
C ARG A 396 -21.36 12.01 21.53
N PRO A 397 -20.88 11.47 20.40
CA PRO A 397 -21.35 11.89 19.08
C PRO A 397 -22.85 11.70 18.92
N SER A 398 -23.53 12.71 18.39
CA SER A 398 -24.97 12.64 18.24
C SER A 398 -25.49 11.85 17.05
N GLY A 399 -24.70 11.73 15.98
CA GLY A 399 -25.21 11.04 14.82
C GLY A 399 -24.70 9.68 14.39
N LEU A 400 -25.36 9.17 13.36
CA LEU A 400 -25.01 7.90 12.73
C LEU A 400 -24.86 8.20 11.25
N ARG A 401 -23.77 7.72 10.64
CA ARG A 401 -23.55 7.92 9.21
C ARG A 401 -24.06 6.67 8.52
N LEU A 402 -24.91 6.84 7.52
CA LEU A 402 -25.45 5.70 6.79
C LEU A 402 -25.22 5.89 5.28
N GLY A 403 -24.77 4.83 4.62
CA GLY A 403 -24.50 4.88 3.18
C GLY A 403 -25.22 3.75 2.45
N THR A 404 -25.52 3.96 1.18
CA THR A 404 -26.23 2.96 0.38
C THR A 404 -25.42 2.16 -0.67
N PRO A 405 -24.16 2.56 -0.96
CA PRO A 405 -23.40 1.82 -1.97
C PRO A 405 -23.35 0.30 -1.87
N ALA A 406 -22.95 -0.21 -0.71
CA ALA A 406 -22.83 -1.65 -0.52
C ALA A 406 -24.10 -2.44 -0.79
N LEU A 407 -25.19 -2.06 -0.12
CA LEU A 407 -26.45 -2.75 -0.30
C LEU A 407 -27.02 -2.59 -1.71
N THR A 408 -26.74 -1.46 -2.36
CA THR A 408 -27.24 -1.26 -3.71
C THR A 408 -26.50 -2.23 -4.65
N SER A 409 -25.25 -2.55 -4.34
CA SER A 409 -24.48 -3.49 -5.16
C SER A 409 -25.08 -4.88 -5.01
N ARG A 410 -25.86 -5.08 -3.96
CA ARG A 410 -26.50 -6.36 -3.72
C ARG A 410 -27.92 -6.38 -4.32
N GLY A 411 -28.31 -5.28 -4.96
CA GLY A 411 -29.62 -5.23 -5.59
C GLY A 411 -30.79 -4.61 -4.83
N LEU A 412 -30.56 -4.10 -3.64
CA LEU A 412 -31.67 -3.47 -2.91
C LEU A 412 -32.20 -2.29 -3.72
N LEU A 413 -33.51 -2.10 -3.68
CA LEU A 413 -34.16 -1.00 -4.39
C LEU A 413 -34.89 -0.16 -3.35
N GLU A 414 -35.58 0.88 -3.77
CA GLU A 414 -36.26 1.77 -2.84
C GLU A 414 -37.13 1.08 -1.79
N LYS A 415 -37.97 0.14 -2.23
CA LYS A 415 -38.85 -0.58 -1.32
C LYS A 415 -38.05 -1.34 -0.26
N ASP A 416 -36.86 -1.81 -0.65
CA ASP A 416 -36.00 -2.56 0.27
C ASP A 416 -35.39 -1.66 1.33
N PHE A 417 -35.02 -0.45 0.94
CA PHE A 417 -34.42 0.50 1.88
C PHE A 417 -35.43 1.06 2.87
N GLN A 418 -36.72 0.92 2.56
CA GLN A 418 -37.74 1.41 3.46
C GLN A 418 -37.86 0.36 4.56
N LYS A 419 -37.65 -0.89 4.20
CA LYS A 419 -37.70 -1.97 5.18
C LYS A 419 -36.44 -1.85 6.06
N VAL A 420 -35.32 -1.51 5.41
CA VAL A 420 -34.07 -1.32 6.13
C VAL A 420 -34.25 -0.21 7.16
N ALA A 421 -34.97 0.84 6.75
CA ALA A 421 -35.22 1.97 7.64
C ALA A 421 -35.93 1.52 8.91
N HIS A 422 -36.90 0.61 8.77
CA HIS A 422 -37.65 0.12 9.92
C HIS A 422 -36.77 -0.72 10.84
N PHE A 423 -35.89 -1.52 10.24
CA PHE A 423 -34.99 -2.34 11.05
C PHE A 423 -34.10 -1.42 11.89
N ILE A 424 -33.57 -0.38 11.26
CA ILE A 424 -32.70 0.57 11.95
C ILE A 424 -33.48 1.23 13.09
N HIS A 425 -34.73 1.57 12.79
CA HIS A 425 -35.62 2.21 13.75
C HIS A 425 -35.82 1.28 14.96
N ARG A 426 -36.05 0.00 14.69
CA ARG A 426 -36.22 -0.98 15.76
C ARG A 426 -34.97 -0.97 16.62
N GLY A 427 -33.81 -0.86 15.96
CA GLY A 427 -32.55 -0.84 16.67
C GLY A 427 -32.45 0.34 17.61
N ILE A 428 -32.78 1.53 17.10
CA ILE A 428 -32.71 2.75 17.89
C ILE A 428 -33.59 2.63 19.13
N GLU A 429 -34.81 2.11 18.95
CA GLU A 429 -35.73 1.94 20.07
C GLU A 429 -35.10 1.04 21.14
N LEU A 430 -34.46 -0.03 20.70
CA LEU A 430 -33.81 -0.94 21.63
C LEU A 430 -32.67 -0.24 22.36
N THR A 431 -31.84 0.52 21.66
CA THR A 431 -30.73 1.20 22.32
C THR A 431 -31.25 2.19 23.35
N VAL A 432 -32.40 2.79 23.05
CA VAL A 432 -33.05 3.73 23.95
C VAL A 432 -33.49 3.01 25.22
N GLN A 433 -34.06 1.82 25.05
CA GLN A 433 -34.54 1.02 26.16
C GLN A 433 -33.42 0.64 27.11
N ILE A 434 -32.38 0.03 26.58
CA ILE A 434 -31.26 -0.36 27.42
C ILE A 434 -30.78 0.90 28.14
N GLN A 435 -31.23 2.04 27.63
CA GLN A 435 -30.87 3.36 28.16
C GLN A 435 -31.86 3.85 29.21
N ASP A 436 -33.09 3.36 29.16
CA ASP A 436 -34.12 3.75 30.12
C ASP A 436 -34.00 2.89 31.38
N ASP A 437 -33.39 1.73 31.24
CA ASP A 437 -33.18 0.80 32.35
C ASP A 437 -31.92 1.20 33.10
N THR A 438 -31.06 1.96 32.44
CA THR A 438 -29.81 2.39 33.04
C THR A 438 -29.92 3.77 33.68
N GLY A 439 -30.94 4.52 33.28
CA GLY A 439 -31.13 5.86 33.82
C GLY A 439 -30.53 6.90 32.89
N PRO A 440 -31.15 8.08 32.78
CA PRO A 440 -30.67 9.16 31.91
C PRO A 440 -29.17 9.45 32.03
N ARG A 441 -28.59 9.11 33.18
CA ARG A 441 -27.16 9.35 33.40
C ARG A 441 -26.44 8.05 33.72
N ALA A 442 -25.61 7.61 32.80
CA ALA A 442 -24.83 6.39 32.95
C ALA A 442 -23.75 6.36 31.87
N THR A 443 -22.62 5.76 32.19
CA THR A 443 -21.50 5.67 31.26
C THR A 443 -21.79 4.68 30.14
N LEU A 444 -20.99 4.77 29.08
CA LEU A 444 -21.12 3.89 27.94
C LEU A 444 -20.83 2.44 28.32
N LYS A 445 -19.96 2.23 29.31
CA LYS A 445 -19.61 0.88 29.74
C LYS A 445 -20.75 0.21 30.52
N GLU A 446 -21.56 1.01 31.22
CA GLU A 446 -22.69 0.48 31.97
C GLU A 446 -23.80 0.05 31.00
N PHE A 447 -23.96 0.86 29.95
CA PHE A 447 -24.96 0.62 28.93
C PHE A 447 -24.72 -0.71 28.20
N LYS A 448 -23.47 -0.95 27.81
CA LYS A 448 -23.12 -2.17 27.10
C LYS A 448 -23.35 -3.40 27.98
N GLU A 449 -23.13 -3.24 29.28
CA GLU A 449 -23.32 -4.33 30.23
C GLU A 449 -24.80 -4.68 30.34
N LYS A 450 -25.63 -3.65 30.48
CA LYS A 450 -27.06 -3.85 30.58
C LYS A 450 -27.62 -4.37 29.26
N LEU A 451 -26.84 -4.23 28.19
CA LEU A 451 -27.24 -4.68 26.85
C LEU A 451 -27.08 -6.18 26.69
N ALA A 452 -25.92 -6.68 27.08
CA ALA A 452 -25.62 -8.11 26.97
C ALA A 452 -25.97 -8.85 28.27
N GLY A 453 -26.30 -8.09 29.31
CA GLY A 453 -26.64 -8.70 30.58
C GLY A 453 -28.07 -8.46 31.06
N ASP A 454 -29.03 -8.72 30.18
CA ASP A 454 -30.44 -8.53 30.52
C ASP A 454 -31.28 -9.49 29.68
N GLU A 455 -32.12 -10.27 30.37
CA GLU A 455 -32.98 -11.24 29.72
C GLU A 455 -33.76 -10.67 28.54
N LYS A 456 -34.59 -9.67 28.81
CA LYS A 456 -35.41 -9.03 27.79
C LYS A 456 -34.58 -8.43 26.65
N HIS A 457 -33.41 -7.90 26.99
CA HIS A 457 -32.54 -7.27 26.00
C HIS A 457 -31.71 -8.21 25.11
N GLN A 458 -30.70 -8.90 25.65
CA GLN A 458 -29.93 -9.82 24.81
C GLN A 458 -30.91 -10.67 24.01
N ARG A 459 -32.15 -10.72 24.49
CA ARG A 459 -33.23 -11.46 23.85
C ARG A 459 -33.87 -10.60 22.76
N ALA A 460 -33.90 -9.29 22.98
CA ALA A 460 -34.44 -8.36 22.00
C ALA A 460 -33.47 -8.36 20.82
N VAL A 461 -32.18 -8.33 21.12
CA VAL A 461 -31.14 -8.33 20.10
C VAL A 461 -31.26 -9.58 19.21
N ARG A 462 -31.28 -10.75 19.84
CA ARG A 462 -31.38 -12.03 19.14
C ARG A 462 -32.55 -12.06 18.15
N ALA A 463 -33.69 -11.55 18.58
CA ALA A 463 -34.88 -11.54 17.74
C ALA A 463 -34.72 -10.65 16.50
N LEU A 464 -34.31 -9.40 16.71
CA LEU A 464 -34.13 -8.46 15.60
C LEU A 464 -33.04 -8.96 14.66
N ARG A 465 -31.98 -9.53 15.22
CA ARG A 465 -30.89 -10.05 14.40
C ARG A 465 -31.44 -11.08 13.42
N GLN A 466 -32.27 -11.99 13.93
CA GLN A 466 -32.86 -13.03 13.09
C GLN A 466 -33.58 -12.44 11.90
N GLU A 467 -34.42 -11.43 12.15
CA GLU A 467 -35.16 -10.81 11.06
C GLU A 467 -34.21 -10.12 10.08
N VAL A 468 -33.19 -9.46 10.59
CA VAL A 468 -32.22 -8.77 9.74
C VAL A 468 -31.46 -9.75 8.84
N GLU A 469 -30.94 -10.82 9.42
CA GLU A 469 -30.18 -11.81 8.63
C GLU A 469 -31.04 -12.58 7.62
N SER A 470 -32.30 -12.83 7.95
CA SER A 470 -33.19 -13.53 7.02
C SER A 470 -33.43 -12.64 5.80
N PHE A 471 -33.73 -11.37 6.07
CA PHE A 471 -33.99 -10.40 5.01
C PHE A 471 -32.76 -10.21 4.12
N ALA A 472 -31.57 -10.26 4.73
CA ALA A 472 -30.31 -10.05 4.00
C ALA A 472 -29.93 -11.21 3.10
N ALA A 473 -30.30 -12.43 3.50
CA ALA A 473 -29.97 -13.62 2.73
C ALA A 473 -30.73 -13.68 1.42
N LEU A 474 -31.73 -12.81 1.27
CA LEU A 474 -32.53 -12.78 0.04
C LEU A 474 -31.74 -12.18 -1.12
N PHE A 475 -30.61 -11.54 -0.82
CA PHE A 475 -29.83 -10.90 -1.86
C PHE A 475 -28.48 -11.54 -2.13
N PRO A 476 -28.02 -11.48 -3.38
CA PRO A 476 -26.73 -12.05 -3.78
C PRO A 476 -25.56 -11.26 -3.21
N LEU A 477 -24.47 -11.96 -2.94
CA LEU A 477 -23.25 -11.35 -2.41
C LEU A 477 -22.21 -11.38 -3.51
N PRO A 478 -21.91 -10.23 -4.13
CA PRO A 478 -20.93 -10.16 -5.22
C PRO A 478 -19.54 -10.65 -4.83
N GLY A 479 -18.77 -11.07 -5.83
CA GLY A 479 -17.43 -11.56 -5.56
C GLY A 479 -17.13 -12.90 -6.21
N LEU A 480 -16.10 -13.57 -5.71
CA LEU A 480 -15.69 -14.87 -6.23
C LEU A 480 -16.78 -15.91 -5.97
N PRO A 481 -16.98 -16.83 -6.91
CA PRO A 481 -18.00 -17.88 -6.81
C PRO A 481 -18.31 -18.29 -5.37
N GLY A 482 -17.45 -19.10 -4.77
CA GLY A 482 -17.68 -19.53 -3.39
C GLY A 482 -16.41 -19.93 -2.67
N PHE A 483 -16.01 -19.14 -1.68
CA PHE A 483 -14.82 -19.44 -0.89
C PHE A 483 -15.06 -20.68 -0.05
N TRP B 14 -29.02 -2.76 -17.84
CA TRP B 14 -29.18 -2.43 -16.39
C TRP B 14 -29.34 -3.71 -15.56
N SER B 15 -30.04 -4.70 -16.09
CA SER B 15 -30.25 -5.96 -15.41
C SER B 15 -28.96 -6.77 -15.42
N SER B 16 -28.11 -6.48 -16.41
CA SER B 16 -26.84 -7.17 -16.57
C SER B 16 -25.78 -6.62 -15.61
N HIS B 17 -26.18 -5.73 -14.71
CA HIS B 17 -25.25 -5.15 -13.74
C HIS B 17 -24.77 -6.22 -12.76
N GLU B 18 -25.70 -7.08 -12.34
CA GLU B 18 -25.35 -8.17 -11.43
C GLU B 18 -24.52 -9.21 -12.14
N GLN B 19 -24.81 -9.42 -13.42
CA GLN B 19 -24.05 -10.39 -14.20
C GLN B 19 -22.67 -9.81 -14.47
N MET B 20 -22.48 -8.54 -14.13
CA MET B 20 -21.20 -7.87 -14.32
C MET B 20 -20.25 -8.12 -13.15
N LEU B 21 -20.79 -8.14 -11.93
CA LEU B 21 -20.00 -8.37 -10.72
C LEU B 21 -19.61 -9.83 -10.52
N ALA B 22 -20.21 -10.73 -11.29
CA ALA B 22 -19.93 -12.16 -11.17
C ALA B 22 -19.17 -12.74 -12.36
N GLN B 23 -19.03 -11.93 -13.40
CA GLN B 23 -18.34 -12.33 -14.63
C GLN B 23 -16.83 -12.54 -14.43
N PRO B 24 -16.28 -13.61 -15.01
CA PRO B 24 -14.84 -13.87 -14.88
C PRO B 24 -14.02 -12.80 -15.59
N LEU B 25 -12.77 -12.62 -15.16
CA LEU B 25 -11.89 -11.63 -15.77
C LEU B 25 -11.71 -11.85 -17.27
N LYS B 26 -11.58 -13.13 -17.66
CA LYS B 26 -11.39 -13.48 -19.07
C LYS B 26 -12.51 -12.94 -19.97
N ASP B 27 -13.73 -12.91 -19.48
CA ASP B 27 -14.86 -12.41 -20.25
C ASP B 27 -15.09 -10.92 -19.98
N SER B 28 -14.93 -10.52 -18.72
CA SER B 28 -15.14 -9.13 -18.32
C SER B 28 -14.14 -8.16 -18.96
N ASP B 29 -12.85 -8.48 -18.90
CA ASP B 29 -11.83 -7.58 -19.43
C ASP B 29 -10.77 -8.33 -20.24
N ALA B 30 -11.08 -8.61 -21.50
CA ALA B 30 -10.17 -9.32 -22.39
C ALA B 30 -8.79 -8.68 -22.52
N GLU B 31 -8.75 -7.36 -22.57
CA GLU B 31 -7.49 -6.65 -22.72
C GLU B 31 -6.52 -6.84 -21.54
N VAL B 32 -7.04 -6.72 -20.32
CA VAL B 32 -6.19 -6.90 -19.15
C VAL B 32 -5.81 -8.36 -19.07
N TYR B 33 -6.78 -9.23 -19.32
CA TYR B 33 -6.54 -10.68 -19.28
C TYR B 33 -5.41 -11.06 -20.21
N ASP B 34 -5.37 -10.44 -21.38
CA ASP B 34 -4.33 -10.74 -22.36
C ASP B 34 -2.96 -10.30 -21.88
N ILE B 35 -2.91 -9.13 -21.23
CA ILE B 35 -1.64 -8.62 -20.71
C ILE B 35 -1.07 -9.57 -19.65
N ILE B 36 -1.94 -10.08 -18.78
CA ILE B 36 -1.51 -11.00 -17.74
C ILE B 36 -0.93 -12.26 -18.37
N LYS B 37 -1.58 -12.75 -19.44
CA LYS B 37 -1.09 -13.94 -20.12
C LYS B 37 0.29 -13.72 -20.72
N LYS B 38 0.49 -12.59 -21.38
CA LYS B 38 1.79 -12.31 -21.98
C LYS B 38 2.88 -12.14 -20.92
N GLU B 39 2.52 -11.57 -19.77
CA GLU B 39 3.48 -11.36 -18.69
C GLU B 39 3.81 -12.71 -18.05
N SER B 40 2.81 -13.56 -17.90
CA SER B 40 3.03 -14.87 -17.32
C SER B 40 4.02 -15.63 -18.19
N ASN B 41 3.83 -15.53 -19.50
CA ASN B 41 4.71 -16.20 -20.45
C ASN B 41 6.11 -15.60 -20.46
N ARG B 42 6.21 -14.29 -20.30
CA ARG B 42 7.51 -13.63 -20.31
C ARG B 42 8.34 -14.11 -19.13
N GLN B 43 7.67 -14.33 -18.00
CA GLN B 43 8.35 -14.79 -16.79
C GLN B 43 8.84 -16.23 -16.92
N ARG B 44 8.11 -17.04 -17.69
CA ARG B 44 8.45 -18.43 -17.90
C ARG B 44 9.69 -18.66 -18.76
N VAL B 45 9.83 -17.90 -19.85
CA VAL B 45 10.99 -18.09 -20.73
C VAL B 45 12.20 -17.24 -20.42
N GLY B 46 12.18 -16.51 -19.31
CA GLY B 46 13.31 -15.68 -18.97
C GLY B 46 14.10 -16.18 -17.78
N LEU B 47 15.28 -15.63 -17.56
CA LEU B 47 16.12 -15.98 -16.42
C LEU B 47 16.15 -14.76 -15.50
N GLU B 48 15.47 -14.88 -14.36
CA GLU B 48 15.37 -13.82 -13.38
C GLU B 48 16.53 -13.79 -12.39
N LEU B 49 17.43 -12.83 -12.54
CA LEU B 49 18.55 -12.71 -11.62
C LEU B 49 18.50 -11.43 -10.79
N ILE B 50 17.41 -10.69 -10.89
CA ILE B 50 17.27 -9.48 -10.09
C ILE B 50 17.06 -9.95 -8.66
N ALA B 51 17.97 -9.53 -7.79
CA ALA B 51 17.98 -9.94 -6.39
C ALA B 51 16.73 -9.65 -5.55
N SER B 52 15.90 -8.71 -5.98
CA SER B 52 14.72 -8.38 -5.19
C SER B 52 13.47 -9.08 -5.66
N GLU B 53 13.58 -9.98 -6.62
CA GLU B 53 12.40 -10.66 -7.12
C GLU B 53 12.29 -12.13 -6.70
N ASN B 54 11.06 -12.62 -6.68
CA ASN B 54 10.79 -14.00 -6.33
C ASN B 54 9.42 -14.39 -6.88
N PHE B 55 9.01 -15.63 -6.66
CA PHE B 55 7.71 -16.07 -7.15
C PHE B 55 6.86 -16.51 -5.97
N ALA B 56 5.76 -15.79 -5.73
CA ALA B 56 4.87 -16.11 -4.63
C ALA B 56 4.10 -17.40 -4.92
N SER B 57 3.79 -18.14 -3.86
CA SER B 57 3.06 -19.40 -3.99
C SER B 57 1.62 -19.16 -4.37
N ARG B 58 0.98 -20.20 -4.89
CA ARG B 58 -0.42 -20.14 -5.30
C ARG B 58 -1.32 -19.80 -4.11
N ALA B 59 -1.05 -20.41 -2.96
CA ALA B 59 -1.85 -20.18 -1.76
C ALA B 59 -1.87 -18.70 -1.39
N VAL B 60 -0.70 -18.08 -1.43
CA VAL B 60 -0.60 -16.67 -1.08
C VAL B 60 -1.41 -15.82 -2.04
N LEU B 61 -1.30 -16.11 -3.33
CA LEU B 61 -2.04 -15.36 -4.34
C LEU B 61 -3.55 -15.58 -4.20
N GLU B 62 -3.95 -16.77 -3.75
CA GLU B 62 -5.38 -17.04 -3.58
C GLU B 62 -5.93 -16.15 -2.46
N ALA B 63 -5.16 -15.98 -1.38
CA ALA B 63 -5.60 -15.14 -0.27
C ALA B 63 -5.80 -13.68 -0.69
N LEU B 64 -5.00 -13.21 -1.64
CA LEU B 64 -5.11 -11.83 -2.11
C LEU B 64 -6.42 -11.49 -2.79
N GLY B 65 -6.98 -12.45 -3.51
CA GLY B 65 -8.23 -12.20 -4.20
C GLY B 65 -9.46 -12.59 -3.40
N SER B 66 -9.31 -12.77 -2.10
CA SER B 66 -10.43 -13.16 -1.27
C SER B 66 -11.40 -12.02 -0.99
N CYS B 67 -12.45 -12.33 -0.23
CA CYS B 67 -13.48 -11.36 0.15
C CYS B 67 -12.98 -10.43 1.27
N LEU B 68 -11.74 -10.64 1.70
CA LEU B 68 -11.16 -9.81 2.74
C LEU B 68 -10.94 -8.41 2.17
N ASN B 69 -10.98 -8.32 0.84
CA ASN B 69 -10.82 -7.05 0.14
C ASN B 69 -11.92 -6.08 0.51
N ASN B 70 -13.12 -6.62 0.71
CA ASN B 70 -14.31 -5.82 1.04
C ASN B 70 -14.44 -5.36 2.49
N LYS B 71 -13.56 -5.82 3.38
CA LYS B 71 -13.66 -5.44 4.78
C LYS B 71 -12.84 -4.22 5.19
N TYR B 72 -13.56 -3.14 5.50
CA TYR B 72 -12.91 -1.89 5.91
C TYR B 72 -12.90 -1.84 7.43
N SER B 73 -11.71 -1.97 8.00
CA SER B 73 -11.53 -1.92 9.45
C SER B 73 -10.45 -0.89 9.75
N LEU B 74 -10.70 -0.06 10.76
CA LEU B 74 -9.75 0.97 11.16
C LEU B 74 -9.32 0.67 12.59
N GLY B 75 -8.04 0.89 12.88
CA GLY B 75 -7.56 0.65 14.21
C GLY B 75 -6.87 -0.69 14.33
N TYR B 76 -6.79 -1.21 15.54
CA TYR B 76 -6.12 -2.49 15.76
C TYR B 76 -7.05 -3.46 16.44
N PRO B 77 -6.70 -4.76 16.43
CA PRO B 77 -7.53 -5.79 17.05
C PRO B 77 -8.02 -5.36 18.43
N GLY B 78 -7.15 -4.70 19.18
CA GLY B 78 -7.54 -4.25 20.50
C GLY B 78 -8.73 -3.29 20.43
N GLN B 79 -8.50 -2.12 19.84
CA GLN B 79 -9.55 -1.11 19.70
C GLN B 79 -9.76 -0.64 18.27
N ARG B 80 -10.88 -1.03 17.69
CA ARG B 80 -11.24 -0.67 16.33
C ARG B 80 -12.21 0.52 16.35
N TYR B 81 -12.30 1.23 15.22
CA TYR B 81 -13.21 2.35 15.08
C TYR B 81 -14.64 1.83 14.85
N TYR B 82 -14.80 0.88 13.92
CA TYR B 82 -16.12 0.30 13.61
C TYR B 82 -16.27 -1.12 14.17
N GLY B 83 -17.43 -1.73 13.98
CA GLY B 83 -17.66 -3.08 14.48
C GLY B 83 -17.69 -4.14 13.39
N GLY B 84 -17.96 -5.39 13.77
CA GLY B 84 -18.01 -6.49 12.81
C GLY B 84 -16.62 -6.97 12.40
N THR B 85 -15.69 -6.94 13.34
CA THR B 85 -14.32 -7.34 13.07
C THR B 85 -13.90 -8.64 13.77
N GLU B 86 -14.86 -9.48 14.13
CA GLU B 86 -14.53 -10.73 14.81
C GLU B 86 -13.48 -11.55 14.05
N HIS B 87 -13.68 -11.75 12.75
CA HIS B 87 -12.76 -12.54 11.93
C HIS B 87 -11.52 -11.76 11.51
N ILE B 88 -11.66 -10.46 11.29
CA ILE B 88 -10.51 -9.64 10.92
C ILE B 88 -9.52 -9.65 12.09
N ASP B 89 -10.06 -9.68 13.31
CA ASP B 89 -9.22 -9.72 14.51
C ASP B 89 -8.51 -11.08 14.60
N GLU B 90 -9.23 -12.14 14.26
CA GLU B 90 -8.63 -13.48 14.29
C GLU B 90 -7.47 -13.46 13.30
N LEU B 91 -7.71 -12.87 12.13
CA LEU B 91 -6.68 -12.81 11.08
C LEU B 91 -5.44 -12.03 11.48
N GLU B 92 -5.62 -10.77 11.86
CA GLU B 92 -4.47 -9.95 12.23
C GLU B 92 -3.74 -10.56 13.42
N THR B 93 -4.48 -11.01 14.41
CA THR B 93 -3.87 -11.62 15.59
C THR B 93 -3.04 -12.83 15.16
N LEU B 94 -3.63 -13.68 14.32
CA LEU B 94 -2.92 -14.86 13.84
C LEU B 94 -1.66 -14.44 13.10
N CYS B 95 -1.77 -13.43 12.24
CA CYS B 95 -0.63 -12.97 11.49
C CYS B 95 0.50 -12.51 12.39
N GLN B 96 0.16 -11.77 13.46
CA GLN B 96 1.18 -11.28 14.39
C GLN B 96 1.83 -12.45 15.13
N LYS B 97 1.02 -13.44 15.52
CA LYS B 97 1.55 -14.61 16.23
C LYS B 97 2.53 -15.39 15.36
N ARG B 98 2.21 -15.57 14.08
CA ARG B 98 3.09 -16.31 13.18
C ARG B 98 4.37 -15.52 12.90
N ALA B 99 4.28 -14.20 12.88
CA ALA B 99 5.45 -13.39 12.61
C ALA B 99 6.47 -13.52 13.75
N LEU B 100 6.00 -13.47 14.99
CA LEU B 100 6.90 -13.57 16.13
C LEU B 100 7.49 -14.98 16.18
N GLN B 101 6.63 -15.95 15.93
CA GLN B 101 7.02 -17.36 15.93
C GLN B 101 8.08 -17.64 14.88
N ALA B 102 7.81 -17.23 13.65
CA ALA B 102 8.72 -17.46 12.54
C ALA B 102 10.14 -16.98 12.83
N TYR B 103 10.27 -15.92 13.62
CA TYR B 103 11.61 -15.39 13.93
C TYR B 103 12.09 -15.78 15.33
N GLY B 104 11.37 -16.70 15.97
CA GLY B 104 11.73 -17.16 17.30
C GLY B 104 11.75 -16.08 18.37
N LEU B 105 10.75 -15.21 18.35
CA LEU B 105 10.68 -14.10 19.30
C LEU B 105 9.65 -14.32 20.41
N ASP B 106 10.05 -14.00 21.64
CA ASP B 106 9.20 -14.11 22.82
C ASP B 106 8.28 -12.89 22.83
N PRO B 107 6.97 -13.11 22.73
CA PRO B 107 6.02 -11.98 22.74
C PRO B 107 6.09 -11.04 23.95
N GLN B 108 6.87 -11.41 24.96
CA GLN B 108 7.01 -10.55 26.12
C GLN B 108 8.16 -9.57 25.90
N CYS B 109 9.01 -9.88 24.91
CA CYS B 109 10.16 -9.04 24.59
C CYS B 109 10.02 -8.38 23.20
N TRP B 110 9.13 -8.91 22.37
CA TRP B 110 8.91 -8.39 21.03
C TRP B 110 7.43 -8.30 20.63
N GLY B 111 7.11 -7.26 19.86
CA GLY B 111 5.76 -7.05 19.37
C GLY B 111 5.86 -6.78 17.87
N VAL B 112 4.75 -6.80 17.14
CA VAL B 112 4.80 -6.58 15.69
C VAL B 112 3.56 -5.92 15.10
N ASN B 113 3.79 -5.00 14.18
CA ASN B 113 2.70 -4.32 13.51
C ASN B 113 2.72 -4.84 12.06
N VAL B 114 1.58 -5.38 11.62
CA VAL B 114 1.49 -5.94 10.27
C VAL B 114 0.68 -5.15 9.25
N GLN B 115 0.45 -3.87 9.51
CA GLN B 115 -0.35 -3.07 8.58
C GLN B 115 0.38 -2.27 7.49
N PRO B 116 1.68 -2.01 7.65
CA PRO B 116 2.34 -1.25 6.57
C PRO B 116 2.01 -1.83 5.17
N TYR B 117 1.68 -0.95 4.24
CA TYR B 117 1.33 -1.37 2.88
C TYR B 117 2.52 -1.91 2.10
N SER B 118 3.73 -1.49 2.48
CA SER B 118 4.92 -1.96 1.78
C SER B 118 6.16 -1.67 2.63
N GLY B 119 7.34 -1.94 2.07
CA GLY B 119 8.58 -1.70 2.81
C GLY B 119 8.90 -0.25 3.07
N SER B 120 8.75 0.60 2.04
CA SER B 120 9.03 2.02 2.19
C SER B 120 8.14 2.64 3.26
N PRO B 121 6.85 2.33 3.23
CA PRO B 121 5.93 2.91 4.24
C PRO B 121 6.28 2.44 5.65
N ALA B 122 6.79 1.21 5.78
CA ALA B 122 7.15 0.67 7.08
C ALA B 122 8.31 1.47 7.69
N ASN B 123 9.32 1.77 6.89
CA ASN B 123 10.46 2.53 7.36
C ASN B 123 10.04 3.94 7.75
N PHE B 124 9.27 4.57 6.88
CA PHE B 124 8.82 5.93 7.11
C PHE B 124 8.02 6.04 8.41
N ALA B 125 7.19 5.05 8.69
CA ALA B 125 6.39 5.10 9.92
C ALA B 125 7.29 5.04 11.15
N VAL B 126 8.39 4.27 11.07
CA VAL B 126 9.31 4.17 12.20
C VAL B 126 10.02 5.50 12.42
N TYR B 127 10.43 6.16 11.33
CA TYR B 127 11.11 7.45 11.45
C TYR B 127 10.17 8.45 12.10
N THR B 128 8.92 8.45 11.62
CA THR B 128 7.89 9.34 12.11
C THR B 128 7.67 9.14 13.60
N ALA B 129 7.72 7.88 14.03
CA ALA B 129 7.50 7.56 15.44
C ALA B 129 8.67 7.83 16.39
N LEU B 130 9.87 7.40 16.01
CA LEU B 130 11.02 7.55 16.89
C LEU B 130 11.94 8.74 16.64
N VAL B 131 11.87 9.32 15.45
CA VAL B 131 12.75 10.43 15.12
C VAL B 131 12.10 11.80 15.14
N GLU B 132 10.90 11.92 14.56
CA GLU B 132 10.22 13.20 14.53
C GLU B 132 10.83 14.12 13.45
N PRO B 133 10.05 15.08 12.93
CA PRO B 133 10.54 16.00 11.90
C PRO B 133 11.91 16.62 12.16
N HIS B 134 12.79 16.51 11.17
CA HIS B 134 14.15 17.05 11.22
C HIS B 134 15.10 16.33 12.16
N GLY B 135 14.68 15.18 12.69
CA GLY B 135 15.54 14.41 13.57
C GLY B 135 16.64 13.78 12.73
N ARG B 136 17.78 13.49 13.34
CA ARG B 136 18.88 12.93 12.58
C ARG B 136 18.90 11.42 12.41
N ILE B 137 19.15 11.00 11.17
CA ILE B 137 19.18 9.59 10.80
C ILE B 137 20.41 9.26 9.97
N MET B 138 21.05 8.13 10.28
CA MET B 138 22.24 7.72 9.54
C MET B 138 22.02 6.36 8.87
N GLY B 139 22.34 6.30 7.59
CA GLY B 139 22.19 5.06 6.85
C GLY B 139 23.28 4.85 5.81
N LEU B 140 23.40 3.61 5.34
CA LEU B 140 24.40 3.27 4.33
C LEU B 140 24.16 4.08 3.06
N ASP B 141 25.23 4.69 2.55
CA ASP B 141 25.16 5.52 1.35
C ASP B 141 24.61 4.73 0.16
N LEU B 142 23.77 5.36 -0.66
CA LEU B 142 23.18 4.69 -1.82
C LEU B 142 24.18 4.01 -2.77
N PRO B 143 25.21 4.73 -3.23
CA PRO B 143 26.17 4.10 -4.14
C PRO B 143 27.01 2.99 -3.50
N ASP B 144 26.92 2.87 -2.17
CA ASP B 144 27.65 1.83 -1.45
C ASP B 144 26.73 0.66 -1.10
N GLY B 145 25.51 0.69 -1.63
CA GLY B 145 24.57 -0.40 -1.36
C GLY B 145 23.39 -0.09 -0.46
N GLY B 146 23.15 1.19 -0.18
CA GLY B 146 22.03 1.55 0.67
C GLY B 146 20.72 1.69 -0.10
N HIS B 147 19.63 1.84 0.65
CA HIS B 147 18.31 1.99 0.04
C HIS B 147 17.83 3.44 0.15
N LEU B 148 17.02 3.85 -0.83
CA LEU B 148 16.46 5.20 -0.90
C LEU B 148 15.85 5.66 0.44
N THR B 149 15.03 4.81 1.03
CA THR B 149 14.36 5.15 2.29
C THR B 149 15.29 5.32 3.47
N HIS B 150 16.59 5.12 3.26
CA HIS B 150 17.58 5.27 4.32
C HIS B 150 18.20 6.66 4.20
N GLY B 151 17.77 7.39 3.18
CA GLY B 151 18.29 8.72 2.97
C GLY B 151 18.95 8.88 1.61
N PHE B 152 18.57 9.93 0.91
CA PHE B 152 19.14 10.21 -0.38
C PHE B 152 18.99 11.70 -0.69
N MET B 153 20.13 12.38 -0.78
CA MET B 153 20.16 13.81 -1.08
C MET B 153 21.49 14.19 -1.74
N THR B 154 21.50 15.32 -2.45
CA THR B 154 22.70 15.80 -3.09
C THR B 154 23.01 17.14 -2.43
N ASP B 155 24.02 17.86 -2.92
CA ASP B 155 24.35 19.15 -2.32
C ASP B 155 23.30 20.23 -2.63
N LYS B 156 22.46 19.98 -3.63
CA LYS B 156 21.45 20.95 -4.01
C LYS B 156 19.99 20.55 -3.79
N LYS B 157 19.71 19.25 -3.68
CA LYS B 157 18.32 18.81 -3.51
C LYS B 157 18.14 17.56 -2.65
N LYS B 158 17.01 17.48 -1.96
CA LYS B 158 16.66 16.32 -1.12
C LYS B 158 15.65 15.49 -1.92
N ILE B 159 16.04 14.28 -2.31
CA ILE B 159 15.20 13.41 -3.15
C ILE B 159 14.29 12.44 -2.40
N SER B 160 14.85 11.66 -1.49
CA SER B 160 14.08 10.69 -0.71
C SER B 160 13.21 11.41 0.31
N ALA B 161 12.04 10.87 0.58
CA ALA B 161 11.14 11.48 1.56
C ALA B 161 11.83 11.46 2.92
N THR B 162 12.71 10.48 3.10
CA THR B 162 13.45 10.36 4.36
C THR B 162 14.34 11.60 4.51
N SER B 163 14.96 12.03 3.40
CA SER B 163 15.82 13.20 3.42
C SER B 163 15.08 14.54 3.42
N ILE B 164 13.83 14.52 2.96
CA ILE B 164 13.03 15.72 2.90
C ILE B 164 12.42 16.09 4.27
N PHE B 165 11.95 15.10 5.00
CA PHE B 165 11.32 15.36 6.29
C PHE B 165 12.22 15.18 7.49
N PHE B 166 13.37 14.55 7.28
CA PHE B 166 14.32 14.29 8.36
C PHE B 166 15.70 14.75 7.91
N GLU B 167 16.68 14.75 8.82
CA GLU B 167 18.03 15.15 8.46
C GLU B 167 18.88 13.89 8.43
N SER B 168 19.22 13.48 7.21
CA SER B 168 20.00 12.27 6.99
C SER B 168 21.43 12.54 6.59
N MET B 169 22.30 11.60 6.94
CA MET B 169 23.70 11.64 6.58
C MET B 169 24.12 10.18 6.44
N ALA B 170 24.78 9.85 5.34
CA ALA B 170 25.18 8.47 5.14
C ALA B 170 26.53 8.10 5.71
N TYR B 171 26.78 6.79 5.76
CA TYR B 171 28.07 6.27 6.18
C TYR B 171 28.45 5.40 4.99
N LYS B 172 29.75 5.23 4.76
CA LYS B 172 30.22 4.48 3.59
C LYS B 172 30.93 3.18 3.87
N VAL B 173 31.24 2.46 2.79
CA VAL B 173 31.99 1.22 2.90
C VAL B 173 33.40 1.63 2.52
N ASN B 174 34.38 0.82 2.89
CA ASN B 174 35.76 1.11 2.52
C ASN B 174 35.87 0.68 1.06
N PRO B 175 36.25 1.59 0.15
CA PRO B 175 36.35 1.21 -1.26
C PRO B 175 37.43 0.19 -1.61
N ASP B 176 38.33 -0.09 -0.68
CA ASP B 176 39.40 -1.06 -0.94
C ASP B 176 39.02 -2.47 -0.55
N THR B 177 38.16 -2.61 0.45
CA THR B 177 37.74 -3.92 0.92
C THR B 177 36.30 -4.25 0.55
N GLY B 178 35.51 -3.21 0.31
CA GLY B 178 34.11 -3.42 -0.03
C GLY B 178 33.26 -3.61 1.22
N TYR B 179 33.90 -3.50 2.39
CA TYR B 179 33.16 -3.65 3.64
C TYR B 179 32.80 -2.32 4.28
N ILE B 180 31.75 -2.34 5.10
CA ILE B 180 31.32 -1.13 5.79
C ILE B 180 32.42 -0.70 6.75
N ASP B 181 32.80 0.58 6.69
CA ASP B 181 33.85 1.11 7.56
C ASP B 181 33.23 1.50 8.91
N TYR B 182 33.16 0.56 9.84
CA TYR B 182 32.58 0.85 11.14
C TYR B 182 33.34 1.89 11.95
N ASP B 183 34.65 1.92 11.79
CA ASP B 183 35.46 2.91 12.53
C ASP B 183 35.06 4.34 12.18
N ARG B 184 34.97 4.64 10.88
CA ARG B 184 34.59 5.98 10.47
C ARG B 184 33.17 6.34 10.90
N LEU B 185 32.27 5.35 10.86
CA LEU B 185 30.89 5.57 11.29
C LEU B 185 30.87 5.94 12.77
N GLU B 186 31.61 5.20 13.57
CA GLU B 186 31.69 5.45 15.01
C GLU B 186 32.14 6.88 15.26
N GLU B 187 33.14 7.33 14.49
CA GLU B 187 33.66 8.68 14.64
C GLU B 187 32.66 9.75 14.20
N ASN B 188 32.08 9.60 13.01
CA ASN B 188 31.13 10.57 12.49
C ASN B 188 29.84 10.68 13.31
N ALA B 189 29.44 9.59 13.95
CA ALA B 189 28.22 9.58 14.76
C ALA B 189 28.36 10.51 15.97
N ARG B 190 29.58 10.68 16.49
CA ARG B 190 29.81 11.56 17.64
C ARG B 190 29.63 13.03 17.26
N LEU B 191 29.83 13.34 15.99
CA LEU B 191 29.69 14.71 15.48
C LEU B 191 28.26 14.97 14.96
N PHE B 192 27.68 13.96 14.31
CA PHE B 192 26.33 14.08 13.74
C PHE B 192 25.20 13.94 14.75
N HIS B 193 25.43 13.14 15.79
CA HIS B 193 24.41 12.94 16.83
C HIS B 193 23.11 12.36 16.26
N PRO B 194 23.17 11.16 15.68
CA PRO B 194 21.95 10.60 15.13
C PRO B 194 20.98 10.15 16.21
N LYS B 195 19.69 10.20 15.92
CA LYS B 195 18.69 9.75 16.87
C LYS B 195 18.36 8.32 16.50
N LEU B 196 18.75 7.92 15.28
CA LEU B 196 18.50 6.58 14.77
C LEU B 196 19.52 6.16 13.72
N ILE B 197 19.99 4.93 13.81
CA ILE B 197 20.95 4.40 12.85
C ILE B 197 20.33 3.18 12.16
N ILE B 198 20.45 3.14 10.84
CA ILE B 198 19.86 2.06 10.06
C ILE B 198 20.85 0.99 9.60
N ALA B 199 20.55 -0.25 9.92
CA ALA B 199 21.39 -1.38 9.52
C ALA B 199 20.57 -2.18 8.52
N GLY B 200 20.84 -1.97 7.23
CA GLY B 200 20.11 -2.67 6.19
C GLY B 200 20.63 -2.29 4.83
N THR B 201 20.56 -3.21 3.86
CA THR B 201 21.11 -2.94 2.53
C THR B 201 20.28 -3.45 1.36
N SER B 202 20.56 -2.90 0.18
CA SER B 202 19.88 -3.31 -1.05
C SER B 202 20.86 -4.03 -1.96
N CYS B 203 22.14 -3.78 -1.76
CA CYS B 203 23.17 -4.41 -2.56
C CYS B 203 24.48 -4.52 -1.79
N TYR B 204 24.48 -5.42 -0.81
CA TYR B 204 25.66 -5.67 0.03
C TYR B 204 25.66 -7.18 0.23
N SER B 205 26.73 -7.84 -0.19
CA SER B 205 26.83 -9.29 -0.09
C SER B 205 27.27 -9.87 1.24
N ARG B 206 27.52 -9.02 2.23
CA ARG B 206 27.99 -9.53 3.52
C ARG B 206 27.05 -9.31 4.71
N ASN B 207 27.29 -10.07 5.78
CA ASN B 207 26.51 -9.95 7.01
C ASN B 207 26.87 -8.63 7.67
N LEU B 208 25.95 -8.05 8.43
CA LEU B 208 26.18 -6.78 9.11
C LEU B 208 26.59 -7.02 10.56
N ASP B 209 27.50 -6.20 11.07
CA ASP B 209 27.94 -6.36 12.45
C ASP B 209 26.96 -5.62 13.37
N TYR B 210 25.82 -6.25 13.60
CA TYR B 210 24.80 -5.67 14.45
C TYR B 210 25.33 -5.33 15.83
N GLY B 211 26.16 -6.20 16.39
CA GLY B 211 26.71 -5.96 17.71
C GLY B 211 27.50 -4.67 17.78
N ARG B 212 28.35 -4.46 16.80
CA ARG B 212 29.15 -3.24 16.73
C ARG B 212 28.24 -2.01 16.56
N LEU B 213 27.24 -2.12 15.69
CA LEU B 213 26.32 -1.00 15.44
C LEU B 213 25.50 -0.67 16.68
N ARG B 214 25.14 -1.69 17.47
CA ARG B 214 24.37 -1.48 18.68
C ARG B 214 25.22 -0.68 19.68
N LYS B 215 26.51 -1.01 19.75
CA LYS B 215 27.41 -0.31 20.66
C LYS B 215 27.51 1.16 20.27
N ILE B 216 27.63 1.42 18.97
CA ILE B 216 27.73 2.79 18.47
C ILE B 216 26.43 3.54 18.74
N ALA B 217 25.30 2.86 18.55
CA ALA B 217 24.01 3.48 18.80
C ALA B 217 23.86 3.83 20.28
N ASP B 218 24.13 2.87 21.17
CA ASP B 218 24.03 3.12 22.61
C ASP B 218 24.95 4.24 23.06
N GLU B 219 26.09 4.37 22.40
CA GLU B 219 27.06 5.40 22.73
C GLU B 219 26.49 6.80 22.48
N ASN B 220 25.64 6.93 21.47
CA ASN B 220 25.05 8.23 21.14
C ASN B 220 23.59 8.34 21.56
N GLY B 221 23.13 7.37 22.34
CA GLY B 221 21.76 7.37 22.83
C GLY B 221 20.72 7.17 21.72
N ALA B 222 21.16 6.66 20.58
CA ALA B 222 20.30 6.44 19.43
C ALA B 222 19.67 5.06 19.39
N TYR B 223 18.61 4.94 18.59
CA TYR B 223 17.94 3.65 18.39
C TYR B 223 18.66 2.96 17.25
N LEU B 224 18.67 1.64 17.27
CA LEU B 224 19.29 0.88 16.19
C LEU B 224 18.15 0.18 15.45
N MET B 225 17.97 0.54 14.19
CA MET B 225 16.91 -0.06 13.39
C MET B 225 17.48 -0.89 12.24
N ALA B 226 17.02 -2.13 12.16
CA ALA B 226 17.46 -3.03 11.10
C ALA B 226 16.40 -3.08 9.99
N ASP B 227 16.83 -2.92 8.75
CA ASP B 227 15.90 -3.02 7.63
C ASP B 227 16.38 -4.32 6.97
N MET B 228 15.74 -5.44 7.30
CA MET B 228 16.17 -6.72 6.77
C MET B 228 15.43 -7.18 5.54
N ALA B 229 14.80 -6.25 4.84
CA ALA B 229 14.02 -6.57 3.64
C ALA B 229 14.64 -7.63 2.71
N HIS B 230 15.90 -7.43 2.33
CA HIS B 230 16.58 -8.38 1.44
C HIS B 230 16.91 -9.76 2.00
N ILE B 231 17.14 -9.85 3.31
CA ILE B 231 17.50 -11.12 3.93
C ILE B 231 16.47 -11.72 4.89
N SER B 232 15.26 -11.16 4.93
CA SER B 232 14.23 -11.65 5.84
C SER B 232 13.98 -13.15 5.71
N GLY B 233 14.11 -13.68 4.51
CA GLY B 233 13.89 -15.10 4.31
C GLY B 233 15.08 -15.92 4.80
N LEU B 234 16.27 -15.41 4.56
CA LEU B 234 17.48 -16.08 5.01
C LEU B 234 17.49 -16.12 6.54
N VAL B 235 17.01 -15.05 7.16
CA VAL B 235 16.99 -14.99 8.61
C VAL B 235 16.08 -16.06 9.23
N VAL B 236 14.86 -16.17 8.71
CA VAL B 236 13.92 -17.17 9.21
C VAL B 236 14.52 -18.58 9.18
N ALA B 237 15.17 -18.90 8.07
CA ALA B 237 15.77 -20.23 7.89
C ALA B 237 17.03 -20.44 8.72
N GLY B 238 17.56 -19.39 9.31
CA GLY B 238 18.78 -19.50 10.11
C GLY B 238 20.05 -19.61 9.28
N VAL B 239 20.02 -19.09 8.06
CA VAL B 239 21.18 -19.13 7.15
C VAL B 239 22.15 -17.95 7.29
N VAL B 240 21.70 -16.87 7.92
CA VAL B 240 22.57 -15.72 8.17
C VAL B 240 22.18 -15.27 9.58
N PRO B 241 23.10 -14.65 10.31
CA PRO B 241 22.80 -14.19 11.66
C PRO B 241 21.55 -13.30 11.72
N SER B 242 20.83 -13.39 12.84
CA SER B 242 19.60 -12.63 13.07
C SER B 242 19.85 -11.22 13.65
N PRO B 243 19.15 -10.21 13.13
CA PRO B 243 19.33 -8.84 13.64
C PRO B 243 18.54 -8.61 14.93
N PHE B 244 17.67 -9.54 15.27
CA PHE B 244 16.85 -9.43 16.47
C PHE B 244 17.64 -9.57 17.78
N GLU B 245 18.90 -9.92 17.67
CA GLU B 245 19.71 -10.08 18.86
C GLU B 245 20.20 -8.75 19.42
N HIS B 246 20.44 -7.77 18.55
CA HIS B 246 20.94 -6.48 19.02
C HIS B 246 20.13 -5.24 18.66
N CYS B 247 19.24 -5.32 17.69
CA CYS B 247 18.47 -4.16 17.29
C CYS B 247 17.25 -3.87 18.16
N HIS B 248 16.79 -2.62 18.15
CA HIS B 248 15.61 -2.23 18.94
C HIS B 248 14.37 -2.41 18.08
N VAL B 249 14.54 -2.21 16.78
CA VAL B 249 13.45 -2.30 15.82
C VAL B 249 13.93 -3.00 14.54
N VAL B 250 13.05 -3.77 13.92
CA VAL B 250 13.38 -4.46 12.68
C VAL B 250 12.22 -4.30 11.69
N THR B 251 12.50 -3.73 10.53
CA THR B 251 11.46 -3.57 9.52
C THR B 251 11.80 -4.54 8.40
N THR B 252 10.81 -4.88 7.59
CA THR B 252 11.03 -5.78 6.48
C THR B 252 9.84 -5.80 5.53
N THR B 253 10.11 -6.20 4.29
CA THR B 253 9.05 -6.35 3.31
C THR B 253 8.70 -7.82 3.45
N THR B 254 7.65 -8.25 2.79
CA THR B 254 7.25 -9.64 2.88
C THR B 254 7.47 -10.38 1.57
N HIS B 255 7.89 -9.66 0.52
CA HIS B 255 8.20 -10.33 -0.73
C HIS B 255 9.71 -10.55 -0.71
N LYS B 256 10.38 -10.41 -1.85
CA LYS B 256 11.83 -10.61 -1.88
C LYS B 256 12.16 -12.04 -1.35
N THR B 257 13.10 -12.19 -0.41
CA THR B 257 13.42 -13.56 0.03
C THR B 257 12.38 -14.27 0.90
N LEU B 258 11.45 -13.51 1.47
CA LEU B 258 10.42 -14.13 2.30
C LEU B 258 9.36 -14.77 1.40
N ARG B 259 9.42 -14.44 0.12
CA ARG B 259 8.52 -15.00 -0.89
C ARG B 259 7.01 -14.84 -0.68
N GLY B 260 6.61 -13.70 -0.13
CA GLY B 260 5.19 -13.47 0.07
C GLY B 260 4.70 -12.41 -0.90
N CYS B 261 3.56 -11.81 -0.58
CA CYS B 261 2.97 -10.76 -1.41
C CYS B 261 3.60 -9.45 -0.94
N ARG B 262 3.29 -8.35 -1.62
CA ARG B 262 3.85 -7.06 -1.23
C ARG B 262 3.18 -6.50 0.01
N ALA B 263 3.98 -6.25 1.03
CA ALA B 263 3.52 -5.69 2.30
C ALA B 263 4.74 -5.46 3.19
N GLY B 264 4.54 -4.84 4.34
CA GLY B 264 5.67 -4.60 5.22
C GLY B 264 5.30 -4.89 6.66
N MET B 265 6.31 -5.06 7.51
CA MET B 265 6.08 -5.33 8.92
C MET B 265 7.08 -4.60 9.78
N ILE B 266 6.66 -4.24 10.99
CA ILE B 266 7.56 -3.56 11.91
C ILE B 266 7.61 -4.33 13.23
N PHE B 267 8.77 -4.86 13.56
CA PHE B 267 9.02 -5.60 14.80
C PHE B 267 9.65 -4.60 15.77
N TYR B 268 9.21 -4.59 17.01
CA TYR B 268 9.75 -3.67 18.00
C TYR B 268 9.88 -4.35 19.37
N ARG B 269 10.87 -3.94 20.15
CA ARG B 269 11.08 -4.53 21.47
C ARG B 269 10.06 -4.05 22.50
N ARG B 270 9.77 -4.92 23.47
CA ARG B 270 8.85 -4.62 24.57
C ARG B 270 9.56 -4.92 25.90
N GLY B 271 9.13 -4.28 26.98
CA GLY B 271 9.76 -4.52 28.28
C GLY B 271 10.77 -3.50 28.76
N VAL B 272 11.77 -3.99 29.51
CA VAL B 272 12.82 -3.14 30.06
C VAL B 272 13.97 -2.88 29.11
N ARG B 273 14.33 -1.61 28.96
CA ARG B 273 15.42 -1.22 28.07
C ARG B 273 16.75 -1.19 28.81
N SER B 274 16.79 -0.45 29.90
CA SER B 274 18.00 -0.32 30.70
C SER B 274 17.70 -0.22 32.19
N VAL B 275 18.75 -0.11 32.99
CA VAL B 275 18.61 -0.01 34.45
C VAL B 275 19.25 1.25 35.03
N ASP B 276 20.07 1.07 36.06
CA ASP B 276 20.74 2.19 36.73
C ASP B 276 22.02 1.72 37.42
N LYS B 281 14.52 1.59 39.23
CA LYS B 281 15.83 1.99 38.71
C LYS B 281 15.92 1.74 37.21
N GLU B 282 14.91 1.05 36.65
CA GLU B 282 14.91 0.74 35.22
C GLU B 282 13.88 1.54 34.41
N ILE B 283 14.13 1.63 33.11
CA ILE B 283 13.24 2.34 32.20
C ILE B 283 12.65 1.37 31.18
N LEU B 284 11.42 1.63 30.76
CA LEU B 284 10.73 0.76 29.81
C LEU B 284 10.75 1.22 28.34
N TYR B 285 10.59 0.26 27.44
CA TYR B 285 10.52 0.55 26.02
C TYR B 285 9.16 1.16 25.76
N ASN B 286 9.14 2.19 24.93
CA ASN B 286 7.92 2.88 24.58
C ASN B 286 7.69 2.79 23.07
N LEU B 287 8.40 1.87 22.43
CA LEU B 287 8.31 1.71 20.99
C LEU B 287 6.92 1.34 20.48
N GLU B 288 6.30 0.37 21.14
CA GLU B 288 4.98 -0.12 20.77
C GLU B 288 3.92 0.95 20.46
N SER B 289 3.53 1.75 21.45
CA SER B 289 2.51 2.76 21.20
C SER B 289 2.92 3.86 20.22
N LEU B 290 4.19 4.24 20.22
CA LEU B 290 4.65 5.29 19.29
C LEU B 290 4.56 4.80 17.84
N ILE B 291 5.01 3.58 17.62
CA ILE B 291 4.98 2.99 16.29
C ILE B 291 3.56 2.71 15.82
N ASN B 292 2.73 2.16 16.70
CA ASN B 292 1.36 1.86 16.35
C ASN B 292 0.60 3.15 16.00
N SER B 293 0.85 4.20 16.77
CA SER B 293 0.20 5.49 16.54
C SER B 293 0.68 6.11 15.23
N ALA B 294 1.95 5.93 14.88
CA ALA B 294 2.46 6.49 13.63
C ALA B 294 1.84 5.79 12.41
N VAL B 295 1.70 4.47 12.47
CA VAL B 295 1.11 3.74 11.35
C VAL B 295 -0.33 4.20 11.18
N PHE B 296 -1.08 4.18 12.27
CA PHE B 296 -2.47 4.63 12.27
C PHE B 296 -2.83 5.22 13.64
N PRO B 297 -3.52 6.37 13.66
CA PRO B 297 -4.02 7.19 12.55
C PRO B 297 -2.99 8.12 11.94
N GLY B 298 -1.72 7.93 12.29
CA GLY B 298 -0.70 8.79 11.73
C GLY B 298 -0.57 8.84 10.21
N LEU B 299 -0.06 7.75 9.62
CA LEU B 299 0.18 7.71 8.18
C LEU B 299 -0.75 6.89 7.27
N GLN B 300 -1.47 5.93 7.82
CA GLN B 300 -2.34 5.12 6.97
C GLN B 300 -3.77 5.16 7.41
N GLY B 301 -4.64 4.65 6.54
CA GLY B 301 -6.05 4.57 6.84
C GLY B 301 -6.36 3.10 7.07
N GLY B 302 -7.37 2.60 6.37
CA GLY B 302 -7.73 1.20 6.53
C GLY B 302 -6.65 0.23 6.07
N PRO B 303 -6.36 -0.80 6.87
CA PRO B 303 -5.36 -1.79 6.48
C PRO B 303 -5.86 -2.66 5.32
N HIS B 304 -4.93 -3.18 4.51
CA HIS B 304 -5.29 -4.06 3.40
C HIS B 304 -5.34 -5.49 3.99
N ASN B 305 -6.53 -5.91 4.40
CA ASN B 305 -6.69 -7.23 5.01
C ASN B 305 -6.34 -8.42 4.12
N HIS B 306 -6.62 -8.30 2.83
CA HIS B 306 -6.31 -9.39 1.92
C HIS B 306 -4.80 -9.56 1.89
N ALA B 307 -4.06 -8.45 2.04
CA ALA B 307 -2.60 -8.52 2.03
C ALA B 307 -2.11 -9.11 3.34
N ILE B 308 -2.83 -8.84 4.42
CA ILE B 308 -2.44 -9.40 5.71
C ILE B 308 -2.66 -10.92 5.70
N ALA B 309 -3.66 -11.40 4.95
CA ALA B 309 -3.91 -12.83 4.86
C ALA B 309 -2.78 -13.47 4.06
N GLY B 310 -2.38 -12.81 2.99
CA GLY B 310 -1.29 -13.31 2.17
C GLY B 310 -0.02 -13.45 2.98
N VAL B 311 0.27 -12.46 3.81
CA VAL B 311 1.47 -12.52 4.65
C VAL B 311 1.38 -13.69 5.63
N ALA B 312 0.22 -13.83 6.27
CA ALA B 312 0.02 -14.92 7.23
C ALA B 312 0.36 -16.24 6.54
N VAL B 313 -0.20 -16.44 5.35
CA VAL B 313 0.06 -17.66 4.59
C VAL B 313 1.55 -17.81 4.26
N ALA B 314 2.22 -16.70 3.94
CA ALA B 314 3.63 -16.77 3.61
C ALA B 314 4.48 -17.10 4.84
N LEU B 315 4.08 -16.61 6.01
CA LEU B 315 4.83 -16.87 7.24
C LEU B 315 4.74 -18.35 7.67
N LYS B 316 3.59 -18.97 7.43
CA LYS B 316 3.41 -20.37 7.78
C LYS B 316 4.31 -21.19 6.85
N GLN B 317 4.29 -20.86 5.55
CA GLN B 317 5.13 -21.57 4.60
C GLN B 317 6.61 -21.40 4.91
N ALA B 318 6.99 -20.23 5.42
CA ALA B 318 8.39 -19.95 5.74
C ALA B 318 8.90 -20.75 6.94
N MET B 319 8.00 -21.28 7.76
CA MET B 319 8.41 -22.06 8.92
C MET B 319 8.54 -23.55 8.63
N THR B 320 8.29 -23.96 7.39
CA THR B 320 8.39 -25.37 7.06
C THR B 320 9.82 -25.80 6.77
N PRO B 321 10.13 -27.09 6.98
CA PRO B 321 11.50 -27.55 6.72
C PRO B 321 11.86 -27.39 5.24
N GLU B 322 10.84 -27.43 4.38
CA GLU B 322 11.02 -27.27 2.94
C GLU B 322 11.54 -25.86 2.63
N PHE B 323 11.02 -24.86 3.35
CA PHE B 323 11.45 -23.49 3.15
C PHE B 323 12.90 -23.36 3.61
N LYS B 324 13.20 -23.96 4.75
CA LYS B 324 14.56 -23.91 5.28
C LYS B 324 15.52 -24.51 4.27
N GLU B 325 15.10 -25.58 3.61
CA GLU B 325 15.95 -26.23 2.62
C GLU B 325 16.09 -25.31 1.40
N TYR B 326 15.00 -24.63 1.04
CA TYR B 326 15.01 -23.68 -0.07
C TYR B 326 16.07 -22.63 0.18
N GLN B 327 16.08 -22.10 1.40
CA GLN B 327 17.01 -21.05 1.75
C GLN B 327 18.47 -21.51 1.73
N ARG B 328 18.71 -22.76 2.09
CA ARG B 328 20.07 -23.29 2.06
C ARG B 328 20.49 -23.38 0.60
N GLN B 329 19.57 -23.80 -0.26
CA GLN B 329 19.86 -23.93 -1.68
C GLN B 329 20.15 -22.56 -2.30
N VAL B 330 19.42 -21.54 -1.85
CA VAL B 330 19.60 -20.18 -2.35
C VAL B 330 21.06 -19.73 -2.15
N VAL B 331 21.57 -19.90 -0.93
CA VAL B 331 22.94 -19.51 -0.62
C VAL B 331 23.96 -20.37 -1.34
N ALA B 332 23.68 -21.67 -1.45
CA ALA B 332 24.60 -22.56 -2.14
C ALA B 332 24.65 -22.17 -3.61
N ASN B 333 23.51 -21.81 -4.17
CA ASN B 333 23.48 -21.39 -5.58
C ASN B 333 24.28 -20.13 -5.79
N CYS B 334 24.16 -19.17 -4.87
CA CYS B 334 24.91 -17.94 -5.00
C CYS B 334 26.41 -18.25 -5.00
N ARG B 335 26.83 -19.12 -4.08
CA ARG B 335 28.24 -19.51 -3.99
C ARG B 335 28.75 -20.15 -5.27
N ALA B 336 27.95 -21.05 -5.85
CA ALA B 336 28.35 -21.70 -7.09
C ALA B 336 28.42 -20.67 -8.22
N LEU B 337 27.41 -19.79 -8.30
CA LEU B 337 27.40 -18.76 -9.33
C LEU B 337 28.62 -17.84 -9.23
N SER B 338 28.96 -17.46 -8.01
CA SER B 338 30.12 -16.59 -7.81
C SER B 338 31.42 -17.31 -8.19
N ALA B 339 31.56 -18.56 -7.74
CA ALA B 339 32.75 -19.34 -8.04
C ALA B 339 32.91 -19.48 -9.56
N ALA B 340 31.82 -19.80 -10.26
CA ALA B 340 31.88 -19.98 -11.69
C ALA B 340 32.29 -18.70 -12.41
N LEU B 341 31.84 -17.55 -11.92
CA LEU B 341 32.21 -16.29 -12.55
C LEU B 341 33.66 -15.92 -12.25
N VAL B 342 34.13 -16.25 -11.05
CA VAL B 342 35.52 -15.98 -10.70
C VAL B 342 36.38 -16.81 -11.65
N GLU B 343 35.99 -18.06 -11.87
CA GLU B 343 36.71 -18.95 -12.76
C GLU B 343 36.80 -18.37 -14.17
N LEU B 344 35.79 -17.58 -14.56
CA LEU B 344 35.75 -16.95 -15.88
C LEU B 344 36.50 -15.60 -15.87
N GLY B 345 37.13 -15.29 -14.74
CA GLY B 345 37.88 -14.05 -14.64
C GLY B 345 37.14 -12.81 -14.16
N TYR B 346 35.95 -12.98 -13.58
CA TYR B 346 35.24 -11.79 -13.09
C TYR B 346 35.60 -11.46 -11.65
N LYS B 347 35.56 -10.18 -11.34
CA LYS B 347 35.87 -9.69 -10.02
C LYS B 347 34.56 -9.49 -9.25
N ILE B 348 34.49 -10.06 -8.04
CA ILE B 348 33.31 -9.92 -7.20
C ILE B 348 33.68 -9.03 -6.01
N VAL B 349 32.85 -8.04 -5.69
CA VAL B 349 33.16 -7.16 -4.56
C VAL B 349 33.20 -7.96 -3.26
N THR B 350 34.21 -7.66 -2.44
CA THR B 350 34.46 -8.37 -1.17
C THR B 350 34.92 -9.78 -1.53
N GLY B 351 35.16 -10.01 -2.81
CA GLY B 351 35.61 -11.32 -3.23
C GLY B 351 34.56 -12.42 -3.20
N GLY B 352 33.42 -12.16 -2.58
CA GLY B 352 32.39 -13.18 -2.53
C GLY B 352 31.11 -12.72 -1.86
N SER B 353 30.38 -13.67 -1.27
CA SER B 353 29.11 -13.36 -0.60
C SER B 353 28.78 -14.29 0.54
N ASP B 354 27.90 -13.83 1.43
CA ASP B 354 27.44 -14.63 2.56
C ASP B 354 25.95 -14.89 2.37
N ASN B 355 25.35 -14.25 1.36
CA ASN B 355 23.92 -14.40 1.18
C ASN B 355 23.44 -14.78 -0.23
N HIS B 356 22.31 -14.20 -0.61
CA HIS B 356 21.66 -14.46 -1.89
C HIS B 356 22.16 -13.67 -3.09
N LEU B 357 23.07 -12.73 -2.89
CA LEU B 357 23.52 -11.94 -4.03
C LEU B 357 25.00 -11.61 -4.10
N ILE B 358 25.39 -11.06 -5.25
CA ILE B 358 26.76 -10.65 -5.47
C ILE B 358 26.78 -9.42 -6.37
N LEU B 359 27.80 -8.59 -6.18
CA LEU B 359 27.97 -7.40 -6.99
C LEU B 359 29.20 -7.70 -7.85
N VAL B 360 29.00 -7.78 -9.16
CA VAL B 360 30.09 -8.09 -10.07
C VAL B 360 30.69 -6.82 -10.67
N ASP B 361 31.99 -6.62 -10.44
CA ASP B 361 32.70 -5.46 -10.96
C ASP B 361 33.14 -5.74 -12.40
N LEU B 362 32.44 -5.14 -13.36
CA LEU B 362 32.75 -5.38 -14.76
C LEU B 362 33.95 -4.63 -15.32
N ARG B 363 34.62 -3.83 -14.50
CA ARG B 363 35.81 -3.12 -14.97
C ARG B 363 36.85 -4.16 -15.35
N SER B 364 36.79 -5.32 -14.69
CA SER B 364 37.71 -6.42 -14.94
C SER B 364 37.55 -6.98 -16.36
N LYS B 365 36.59 -6.43 -17.11
CA LYS B 365 36.32 -6.87 -18.47
C LYS B 365 36.21 -5.67 -19.41
N GLY B 366 36.50 -4.48 -18.88
CA GLY B 366 36.45 -3.27 -19.68
C GLY B 366 35.09 -2.74 -20.12
N THR B 367 34.06 -3.01 -19.34
CA THR B 367 32.73 -2.53 -19.68
C THR B 367 32.07 -2.05 -18.39
N ASP B 368 30.78 -1.74 -18.45
CA ASP B 368 30.08 -1.28 -17.25
C ASP B 368 28.66 -1.86 -17.15
N GLY B 369 28.10 -1.79 -15.94
CA GLY B 369 26.76 -2.29 -15.71
C GLY B 369 25.70 -1.64 -16.58
N GLY B 370 25.87 -0.35 -16.84
CA GLY B 370 24.91 0.37 -17.67
C GLY B 370 24.69 -0.25 -19.04
N ARG B 371 25.77 -0.64 -19.72
CA ARG B 371 25.63 -1.23 -21.04
C ARG B 371 25.31 -2.72 -20.96
N ALA B 372 25.92 -3.41 -20.00
CA ALA B 372 25.71 -4.84 -19.82
C ALA B 372 24.27 -5.20 -19.51
N GLU B 373 23.60 -4.45 -18.63
CA GLU B 373 22.23 -4.77 -18.28
C GLU B 373 21.30 -4.70 -19.51
N LYS B 374 21.58 -3.78 -20.43
CA LYS B 374 20.75 -3.65 -21.61
C LYS B 374 20.92 -4.84 -22.56
N VAL B 375 22.16 -5.27 -22.77
CA VAL B 375 22.40 -6.40 -23.65
C VAL B 375 21.78 -7.66 -23.05
N LEU B 376 22.06 -7.91 -21.77
CA LEU B 376 21.54 -9.10 -21.09
C LEU B 376 20.02 -9.12 -21.12
N GLU B 377 19.41 -7.95 -21.01
CA GLU B 377 17.95 -7.82 -21.03
C GLU B 377 17.41 -8.29 -22.38
N ALA B 378 18.07 -7.85 -23.45
CA ALA B 378 17.66 -8.22 -24.79
C ALA B 378 17.81 -9.74 -24.97
N CYS B 379 18.63 -10.36 -24.14
CA CYS B 379 18.84 -11.81 -24.22
C CYS B 379 17.98 -12.58 -23.22
N SER B 380 17.01 -11.88 -22.63
CA SER B 380 16.09 -12.47 -21.65
C SER B 380 16.73 -12.83 -20.31
N ILE B 381 17.84 -12.18 -20.00
CA ILE B 381 18.52 -12.39 -18.74
C ILE B 381 18.34 -11.08 -17.94
N ALA B 382 17.51 -11.15 -16.91
CA ALA B 382 17.22 -9.97 -16.11
C ALA B 382 18.13 -9.78 -14.90
N CYS B 383 18.67 -8.58 -14.77
CA CYS B 383 19.55 -8.20 -13.65
C CYS B 383 19.62 -6.67 -13.72
N ASN B 384 20.34 -6.03 -12.80
CA ASN B 384 20.44 -4.58 -12.86
C ASN B 384 21.83 -4.04 -12.56
N LYS B 385 22.12 -2.84 -13.07
CA LYS B 385 23.42 -2.22 -12.85
C LYS B 385 23.47 -1.71 -11.42
N ASN B 386 24.67 -1.42 -10.95
CA ASN B 386 24.87 -0.90 -9.61
C ASN B 386 26.29 -0.36 -9.54
N THR B 387 26.47 0.74 -8.83
CA THR B 387 27.81 1.32 -8.72
C THR B 387 28.65 0.43 -7.81
N CYS B 388 29.96 0.43 -8.02
CA CYS B 388 30.85 -0.35 -7.17
C CYS B 388 31.48 0.67 -6.22
N PRO B 389 31.96 0.21 -5.05
CA PRO B 389 32.58 1.11 -4.07
C PRO B 389 33.54 2.14 -4.69
N GLY B 390 34.39 1.70 -5.61
CA GLY B 390 35.31 2.63 -6.24
C GLY B 390 34.57 3.71 -6.99
N ASP B 391 34.10 3.37 -8.19
CA ASP B 391 33.34 4.25 -9.07
C ASP B 391 33.39 5.75 -8.80
N LYS B 392 33.99 6.48 -9.73
CA LYS B 392 34.11 7.93 -9.62
C LYS B 392 33.02 8.61 -10.45
N SER B 393 31.97 7.86 -10.76
CA SER B 393 30.86 8.40 -11.54
C SER B 393 29.63 7.49 -11.45
N ALA B 394 28.47 8.08 -11.20
CA ALA B 394 27.23 7.33 -11.10
C ALA B 394 26.58 7.16 -12.46
N LEU B 395 27.06 7.91 -13.44
CA LEU B 395 26.52 7.84 -14.79
C LEU B 395 27.14 6.68 -15.58
N ARG B 396 28.07 5.97 -14.93
CA ARG B 396 28.73 4.82 -15.56
C ARG B 396 29.06 3.80 -14.47
N PRO B 397 28.02 3.21 -13.84
CA PRO B 397 28.20 2.21 -12.79
C PRO B 397 29.02 1.02 -13.29
N SER B 398 29.99 0.59 -12.49
CA SER B 398 30.85 -0.51 -12.89
C SER B 398 30.30 -1.92 -12.70
N GLY B 399 29.36 -2.10 -11.77
CA GLY B 399 28.87 -3.44 -11.54
C GLY B 399 27.47 -3.86 -11.93
N LEU B 400 27.24 -5.16 -11.74
CA LEU B 400 25.96 -5.81 -12.00
C LEU B 400 25.59 -6.55 -10.73
N ARG B 401 24.37 -6.35 -10.26
CA ARG B 401 23.91 -7.04 -9.07
C ARG B 401 23.18 -8.29 -9.52
N LEU B 402 23.56 -9.44 -8.97
CA LEU B 402 22.93 -10.71 -9.34
C LEU B 402 22.42 -11.43 -8.10
N GLY B 403 21.18 -11.93 -8.15
CA GLY B 403 20.62 -12.66 -7.03
C GLY B 403 20.09 -14.02 -7.45
N THR B 404 20.02 -14.96 -6.51
CA THR B 404 19.56 -16.32 -6.82
C THR B 404 18.18 -16.75 -6.31
N PRO B 405 17.51 -15.93 -5.47
CA PRO B 405 16.20 -16.35 -4.97
C PRO B 405 15.16 -16.81 -6.00
N ALA B 406 14.90 -16.00 -7.02
CA ALA B 406 13.90 -16.32 -8.02
C ALA B 406 14.15 -17.65 -8.73
N LEU B 407 15.34 -17.80 -9.31
CA LEU B 407 15.68 -19.03 -10.02
C LEU B 407 15.73 -20.24 -9.11
N THR B 408 16.11 -20.06 -7.85
CA THR B 408 16.13 -21.19 -6.93
C THR B 408 14.69 -21.63 -6.64
N SER B 409 13.74 -20.71 -6.68
CA SER B 409 12.35 -21.09 -6.44
C SER B 409 11.84 -21.91 -7.63
N ARG B 410 12.55 -21.84 -8.75
CA ARG B 410 12.17 -22.59 -9.94
C ARG B 410 12.91 -23.93 -9.96
N GLY B 411 13.72 -24.20 -8.94
CA GLY B 411 14.42 -25.46 -8.88
C GLY B 411 15.86 -25.52 -9.38
N LEU B 412 16.45 -24.42 -9.84
CA LEU B 412 17.83 -24.49 -10.30
C LEU B 412 18.73 -24.90 -9.15
N LEU B 413 19.73 -25.72 -9.47
CA LEU B 413 20.69 -26.18 -8.48
C LEU B 413 22.07 -25.68 -8.93
N GLU B 414 23.11 -26.03 -8.17
CA GLU B 414 24.47 -25.57 -8.49
C GLU B 414 24.89 -25.77 -9.95
N LYS B 415 24.70 -26.96 -10.50
CA LYS B 415 25.10 -27.20 -11.88
C LYS B 415 24.35 -26.29 -12.85
N ASP B 416 23.12 -25.94 -12.50
CA ASP B 416 22.31 -25.06 -13.35
C ASP B 416 22.85 -23.62 -13.33
N PHE B 417 23.29 -23.17 -12.16
CA PHE B 417 23.84 -21.82 -12.04
C PHE B 417 25.20 -21.66 -12.71
N GLN B 418 25.86 -22.78 -12.96
CA GLN B 418 27.15 -22.71 -13.64
C GLN B 418 26.86 -22.46 -15.11
N LYS B 419 25.76 -23.03 -15.59
CA LYS B 419 25.37 -22.84 -16.97
C LYS B 419 24.88 -21.38 -17.11
N VAL B 420 24.16 -20.91 -16.09
CA VAL B 420 23.67 -19.54 -16.07
C VAL B 420 24.86 -18.59 -16.16
N ALA B 421 25.93 -18.93 -15.43
CA ALA B 421 27.13 -18.12 -15.43
C ALA B 421 27.71 -17.97 -16.84
N HIS B 422 27.71 -19.04 -17.62
CA HIS B 422 28.24 -18.95 -18.98
C HIS B 422 27.34 -18.12 -19.88
N PHE B 423 26.03 -18.20 -19.68
CA PHE B 423 25.12 -17.40 -20.50
C PHE B 423 25.41 -15.92 -20.21
N ILE B 424 25.58 -15.58 -18.95
CA ILE B 424 25.85 -14.20 -18.57
C ILE B 424 27.17 -13.76 -19.20
N HIS B 425 28.15 -14.66 -19.15
CA HIS B 425 29.46 -14.39 -19.72
C HIS B 425 29.34 -14.11 -21.22
N ARG B 426 28.53 -14.92 -21.91
CA ARG B 426 28.31 -14.73 -23.34
C ARG B 426 27.74 -13.32 -23.54
N GLY B 427 26.84 -12.92 -22.65
CA GLY B 427 26.24 -11.60 -22.74
C GLY B 427 27.25 -10.49 -22.59
N ILE B 428 28.12 -10.59 -21.59
CA ILE B 428 29.15 -9.59 -21.37
C ILE B 428 30.04 -9.45 -22.61
N GLU B 429 30.45 -10.58 -23.19
CA GLU B 429 31.30 -10.56 -24.37
C GLU B 429 30.61 -9.79 -25.49
N LEU B 430 29.31 -10.03 -25.65
CA LEU B 430 28.55 -9.34 -26.67
C LEU B 430 28.49 -7.83 -26.40
N THR B 431 28.25 -7.45 -25.15
CA THR B 431 28.17 -6.02 -24.87
C THR B 431 29.51 -5.35 -25.10
N VAL B 432 30.60 -6.09 -24.87
CA VAL B 432 31.94 -5.56 -25.11
C VAL B 432 32.13 -5.34 -26.62
N GLN B 433 31.65 -6.29 -27.42
CA GLN B 433 31.74 -6.19 -28.88
C GLN B 433 31.03 -4.94 -29.36
N ILE B 434 29.84 -4.69 -28.84
CA ILE B 434 29.02 -3.52 -29.20
C ILE B 434 29.60 -2.20 -28.70
N GLN B 435 30.24 -2.22 -27.53
CA GLN B 435 30.85 -1.03 -26.96
C GLN B 435 32.02 -0.57 -27.85
N ASP B 436 32.85 -1.52 -28.28
CA ASP B 436 34.00 -1.22 -29.13
C ASP B 436 33.57 -0.72 -30.50
N ASP B 437 32.34 -1.06 -30.89
CA ASP B 437 31.78 -0.69 -32.17
C ASP B 437 31.14 0.70 -32.13
N THR B 438 30.73 1.13 -30.93
CA THR B 438 30.08 2.43 -30.79
C THR B 438 31.09 3.56 -30.68
N GLY B 439 32.21 3.30 -30.01
CA GLY B 439 33.20 4.33 -29.86
C GLY B 439 33.68 4.51 -28.44
N PRO B 440 34.47 5.58 -28.18
CA PRO B 440 35.05 5.95 -26.89
C PRO B 440 34.17 6.85 -26.03
N ARG B 441 33.90 8.04 -26.54
CA ARG B 441 33.07 9.01 -25.82
C ARG B 441 31.61 8.91 -26.25
N ALA B 442 31.21 7.73 -26.69
CA ALA B 442 29.84 7.50 -27.11
C ALA B 442 28.92 7.52 -25.89
N THR B 443 27.66 7.91 -26.10
CA THR B 443 26.70 7.99 -25.01
C THR B 443 25.88 6.72 -24.88
N LEU B 444 25.29 6.49 -23.71
CA LEU B 444 24.45 5.31 -23.49
C LEU B 444 23.31 5.32 -24.51
N LYS B 445 22.81 6.52 -24.80
CA LYS B 445 21.75 6.74 -25.77
C LYS B 445 22.18 6.14 -27.11
N GLU B 446 23.42 6.41 -27.51
CA GLU B 446 23.97 5.90 -28.76
C GLU B 446 24.25 4.39 -28.66
N PHE B 447 24.70 3.95 -27.49
CA PHE B 447 24.98 2.54 -27.27
C PHE B 447 23.70 1.72 -27.47
N LYS B 448 22.58 2.22 -26.97
CA LYS B 448 21.30 1.54 -27.08
C LYS B 448 20.75 1.54 -28.52
N GLU B 449 21.12 2.56 -29.28
CA GLU B 449 20.66 2.67 -30.67
C GLU B 449 21.47 1.71 -31.54
N LYS B 450 22.75 1.54 -31.19
CA LYS B 450 23.61 0.64 -31.92
C LYS B 450 23.09 -0.77 -31.70
N LEU B 451 22.69 -1.05 -30.47
CA LEU B 451 22.16 -2.36 -30.10
C LEU B 451 20.77 -2.63 -30.69
N ALA B 452 20.07 -1.56 -31.04
CA ALA B 452 18.72 -1.70 -31.57
C ALA B 452 18.65 -1.87 -33.08
N GLY B 453 19.30 -0.99 -33.83
CA GLY B 453 19.25 -1.07 -35.27
C GLY B 453 20.52 -1.49 -35.99
N ASP B 454 21.15 -2.57 -35.53
CA ASP B 454 22.37 -3.09 -36.14
C ASP B 454 22.22 -4.60 -36.30
N GLU B 455 21.80 -5.04 -37.48
CA GLU B 455 21.59 -6.47 -37.73
C GLU B 455 22.69 -7.39 -37.21
N LYS B 456 23.95 -6.97 -37.30
CA LYS B 456 25.06 -7.79 -36.80
C LYS B 456 24.87 -8.19 -35.33
N HIS B 457 24.78 -7.20 -34.45
CA HIS B 457 24.60 -7.44 -33.02
C HIS B 457 23.24 -8.02 -32.73
N GLN B 458 22.28 -7.58 -33.50
CA GLN B 458 20.90 -8.01 -33.33
C GLN B 458 20.77 -9.50 -33.62
N ARG B 459 21.71 -10.03 -34.39
CA ARG B 459 21.73 -11.44 -34.74
C ARG B 459 22.39 -12.24 -33.63
N ALA B 460 23.37 -11.62 -32.97
CA ALA B 460 24.07 -12.25 -31.86
C ALA B 460 23.06 -12.37 -30.72
N VAL B 461 22.30 -11.29 -30.52
CA VAL B 461 21.29 -11.25 -29.47
C VAL B 461 20.26 -12.36 -29.65
N ARG B 462 19.65 -12.40 -30.84
CA ARG B 462 18.64 -13.40 -31.17
C ARG B 462 19.10 -14.83 -30.88
N ALA B 463 20.33 -15.14 -31.24
CA ALA B 463 20.86 -16.49 -31.01
C ALA B 463 20.98 -16.82 -29.52
N LEU B 464 21.61 -15.93 -28.76
CA LEU B 464 21.80 -16.16 -27.32
C LEU B 464 20.45 -16.26 -26.62
N ARG B 465 19.53 -15.39 -27.02
CA ARG B 465 18.20 -15.34 -26.46
C ARG B 465 17.55 -16.72 -26.59
N GLN B 466 17.66 -17.30 -27.78
CA GLN B 466 17.06 -18.61 -28.02
C GLN B 466 17.59 -19.65 -27.04
N GLU B 467 18.91 -19.69 -26.86
CA GLU B 467 19.49 -20.65 -25.93
C GLU B 467 19.03 -20.39 -24.49
N VAL B 468 18.96 -19.12 -24.11
CA VAL B 468 18.53 -18.76 -22.77
C VAL B 468 17.08 -19.19 -22.51
N GLU B 469 16.18 -18.88 -23.44
CA GLU B 469 14.76 -19.22 -23.26
C GLU B 469 14.49 -20.73 -23.30
N SER B 470 15.27 -21.47 -24.08
CA SER B 470 15.10 -22.91 -24.17
C SER B 470 15.50 -23.54 -22.83
N PHE B 471 16.63 -23.08 -22.30
CA PHE B 471 17.13 -23.58 -21.02
C PHE B 471 16.18 -23.23 -19.87
N ALA B 472 15.55 -22.06 -19.95
CA ALA B 472 14.63 -21.62 -18.90
C ALA B 472 13.29 -22.36 -18.90
N ALA B 473 12.84 -22.80 -20.08
CA ALA B 473 11.56 -23.51 -20.20
C ALA B 473 11.62 -24.89 -19.52
N LEU B 474 12.82 -25.33 -19.19
CA LEU B 474 13.02 -26.62 -18.54
C LEU B 474 12.53 -26.61 -17.09
N PHE B 475 12.31 -25.42 -16.55
CA PHE B 475 11.88 -25.32 -15.16
C PHE B 475 10.47 -24.81 -14.96
N PRO B 476 9.82 -25.29 -13.90
CA PRO B 476 8.45 -24.88 -13.57
C PRO B 476 8.37 -23.44 -13.09
N LEU B 477 7.25 -22.78 -13.40
CA LEU B 477 7.03 -21.40 -12.99
C LEU B 477 5.96 -21.42 -11.90
N PRO B 478 6.36 -21.19 -10.64
CA PRO B 478 5.42 -21.19 -9.51
C PRO B 478 4.27 -20.18 -9.66
N GLY B 479 3.16 -20.45 -8.97
CA GLY B 479 2.01 -19.56 -9.03
C GLY B 479 0.74 -20.29 -9.40
N LEU B 480 -0.16 -19.56 -10.05
CA LEU B 480 -1.44 -20.14 -10.48
C LEU B 480 -1.25 -20.91 -11.79
N PRO B 481 -2.25 -21.71 -12.20
CA PRO B 481 -2.21 -22.50 -13.43
C PRO B 481 -1.99 -21.68 -14.71
N GLY B 482 -0.74 -21.32 -14.96
CA GLY B 482 -0.41 -20.54 -16.16
C GLY B 482 -1.18 -19.23 -16.27
N PHE B 483 -1.26 -18.49 -15.15
CA PHE B 483 -1.98 -17.22 -15.12
C PHE B 483 -1.16 -16.20 -14.33
P PO4 C . -14.11 6.72 6.61
O1 PO4 C . -14.47 7.76 7.59
O2 PO4 C . -14.84 5.46 6.93
O3 PO4 C . -12.64 6.46 6.66
O4 PO4 C . -14.48 7.17 5.24
N1 PLP D . -9.68 10.25 2.03
C2 PLP D . -11.09 10.36 2.05
C2A PLP D . -11.73 11.65 1.62
C3 PLP D . -11.90 9.18 2.51
O3 PLP D . -13.25 9.13 2.57
C4 PLP D . -11.14 7.91 2.93
C4A PLP D . -11.78 6.73 3.37
C5 PLP D . -9.66 7.92 2.87
C6 PLP D . -8.95 9.12 2.42
C5A PLP D . -8.83 6.72 3.29
O4P PLP D . -8.38 5.80 2.31
P PLP D . -7.37 4.86 2.48
O1P PLP D . -7.92 3.97 3.58
O2P PLP D . -7.30 4.16 1.22
O3P PLP D . -6.05 5.10 2.90
P PO4 E . 15.73 -3.08 -4.67
O1 PO4 E . 17.20 -2.97 -4.49
O2 PO4 E . 15.42 -3.48 -6.08
O3 PO4 E . 15.09 -1.76 -4.38
O4 PO4 E . 15.20 -4.11 -3.75
N GLY F . 14.37 -3.19 -2.56
N GLY F . 14.11 -2.83 -2.85
CA GLY F . 14.31 -3.66 -3.90
CA GLY F . 14.54 -3.94 -3.76
C GLY F . 15.72 -3.83 -4.68
C GLY F . 14.59 -3.43 -5.28
O GLY F . 15.76 -3.90 -5.91
O GLY F . 15.49 -3.75 -6.00
OXT GLY F . 16.79 -3.88 -4.08
OXT GLY F . 13.69 -2.68 -5.76
N1 PLP G . 14.13 -1.44 2.02
C2 PLP G . 15.07 -2.38 1.56
C2A PLP G . 16.27 -2.68 2.38
C3 PLP G . 14.82 -3.05 0.23
O3 PLP G . 15.62 -3.97 -0.34
C4 PLP G . 13.52 -2.66 -0.54
C4A PLP G . 13.17 -3.19 -1.76
C5 PLP G . 12.63 -1.64 0.08
C6 PLP G . 12.97 -1.05 1.37
C5A PLP G . 11.36 -1.15 -0.60
O4P PLP G . 10.18 -1.93 -0.46
P PLP G . 8.97 -1.65 -1.09
O1P PLP G . 9.31 -1.83 -2.56
O2P PLP G . 8.10 -2.71 -0.65
O3P PLP G . 8.24 -0.46 -1.06
#